data_1RII
#
_entry.id   1RII
#
_cell.length_a   58.914
_cell.length_b   136.790
_cell.length_c   65.929
_cell.angle_alpha   90.00
_cell.angle_beta   97.78
_cell.angle_gamma   90.00
#
_symmetry.space_group_name_H-M   'P 1 21 1'
#
loop_
_entity.id
_entity.type
_entity.pdbx_description
1 polymer '2,3-bisphosphoglycerate-dependent phosphoglycerate mutase'
2 non-polymer GLYCEROL
3 water water
#
_entity_poly.entity_id   1
_entity_poly.type   'polypeptide(L)'
_entity_poly.pdbx_seq_one_letter_code
;MANTGSLVLLRHGESDWNALNLFTGWVDVGLTDKGQAEAVRSGELIAEHDLLPDVLYTSLLRRAITTAHLALDSADRLWI
PVRRSWRLNERHYGALQGLDKAETKARYGEEQFMAWRRSYDTPPPPIERGSQFSQDADPRYADIGGGPLTECLADVVARF
LPYFTDVIVGDLRVGKTVLIVAHGNSLRALVKHLDQMSDDEIVGLNIPTGIPLRYDLDSAMRPLVRGGTYLDPEAAAAGA
AAVAGQGRGGVPRGAAALEHHHHHH
;
_entity_poly.pdbx_strand_id   A,B,C,D
#
loop_
_chem_comp.id
_chem_comp.type
_chem_comp.name
_chem_comp.formula
GOL non-polymer GLYCEROL 'C3 H8 O3'
#
# COMPACT_ATOMS: atom_id res chain seq x y z
N ALA A 2 14.62 -11.29 9.08
CA ALA A 2 15.46 -11.40 7.90
C ALA A 2 16.76 -10.60 8.01
N ASN A 3 17.81 -11.17 7.44
CA ASN A 3 19.05 -10.46 7.20
C ASN A 3 18.82 -9.35 6.18
N THR A 4 19.56 -8.26 6.30
CA THR A 4 19.29 -7.06 5.52
C THR A 4 19.46 -7.23 4.02
N GLY A 5 18.44 -6.79 3.28
CA GLY A 5 18.42 -6.83 1.84
C GLY A 5 19.53 -6.06 1.16
N SER A 6 19.84 -6.49 -0.06
CA SER A 6 20.80 -5.77 -0.90
C SER A 6 20.16 -4.50 -1.44
N LEU A 7 20.91 -3.41 -1.40
CA LEU A 7 20.42 -2.16 -1.98
C LEU A 7 21.17 -1.90 -3.28
N VAL A 8 20.44 -1.72 -4.38
CA VAL A 8 21.06 -1.48 -5.67
C VAL A 8 20.73 -0.08 -6.19
N LEU A 9 21.72 0.74 -6.50
CA LEU A 9 21.47 2.10 -6.98
C LEU A 9 21.79 2.20 -8.46
N LEU A 10 20.97 2.90 -9.26
CA LEU A 10 21.21 3.01 -10.68
C LEU A 10 20.91 4.42 -11.18
N ARG A 11 21.91 5.06 -11.76
CA ARG A 11 21.74 6.35 -12.42
C ARG A 11 21.43 6.18 -13.89
N HIS A 12 20.40 6.90 -14.36
CA HIS A 12 20.03 6.82 -15.76
C HIS A 12 21.10 7.40 -16.68
N GLY A 13 21.04 6.99 -17.93
CA GLY A 13 21.98 7.44 -18.94
C GLY A 13 21.51 8.68 -19.66
N GLU A 14 22.09 8.91 -20.83
CA GLU A 14 21.92 10.13 -21.59
C GLU A 14 20.49 10.48 -21.97
N SER A 15 20.08 11.72 -21.64
CA SER A 15 18.79 12.22 -22.07
C SER A 15 18.89 13.12 -23.30
N ASP A 16 17.76 13.36 -23.95
CA ASP A 16 17.72 14.29 -25.07
C ASP A 16 18.30 15.66 -24.70
N TRP A 17 18.18 16.09 -23.45
CA TRP A 17 18.69 17.40 -23.05
C TRP A 17 20.17 17.32 -22.69
N ASN A 18 20.69 16.17 -22.27
CA ASN A 18 22.13 16.02 -22.10
C ASN A 18 22.78 16.24 -23.48
N ALA A 19 22.18 15.60 -24.47
CA ALA A 19 22.62 15.69 -25.85
C ALA A 19 22.52 17.12 -26.37
N LEU A 20 21.57 17.94 -25.93
CA LEU A 20 21.56 19.33 -26.41
C LEU A 20 22.30 20.28 -25.48
N ASN A 21 22.91 19.76 -24.43
CA ASN A 21 23.63 20.54 -23.44
C ASN A 21 22.78 21.53 -22.65
N LEU A 22 21.55 21.17 -22.31
CA LEU A 22 20.66 22.06 -21.59
C LEU A 22 20.51 21.61 -20.13
N PHE A 23 20.41 22.56 -19.21
CA PHE A 23 20.09 22.28 -17.82
C PHE A 23 18.69 21.65 -17.75
N THR A 24 18.50 20.51 -17.11
CA THR A 24 17.20 19.82 -17.15
C THR A 24 16.40 19.91 -15.86
N GLY A 25 16.97 19.44 -14.76
CA GLY A 25 16.27 19.46 -13.47
C GLY A 25 15.00 18.61 -13.54
N TRP A 26 13.89 19.24 -13.19
CA TRP A 26 12.60 18.55 -13.15
C TRP A 26 11.95 18.49 -14.51
N VAL A 27 12.55 19.11 -15.53
CA VAL A 27 11.93 19.03 -16.85
C VAL A 27 11.93 17.56 -17.26
N ASP A 28 10.78 17.05 -17.68
CA ASP A 28 10.59 15.63 -17.90
C ASP A 28 10.97 15.10 -19.27
N VAL A 29 12.25 15.26 -19.63
CA VAL A 29 12.81 14.84 -20.90
C VAL A 29 13.01 13.33 -20.96
N GLY A 30 12.98 12.79 -22.17
CA GLY A 30 13.21 11.42 -22.51
C GLY A 30 14.68 11.07 -22.68
N LEU A 31 14.92 9.79 -22.92
CA LEU A 31 16.23 9.22 -23.10
C LEU A 31 16.66 9.25 -24.56
N THR A 32 17.97 9.37 -24.82
CA THR A 32 18.48 9.14 -26.16
C THR A 32 18.52 7.64 -26.45
N ASP A 33 18.67 7.29 -27.73
CA ASP A 33 18.86 5.87 -28.07
C ASP A 33 20.02 5.31 -27.27
N LYS A 34 21.07 6.11 -27.11
CA LYS A 34 22.19 5.63 -26.32
C LYS A 34 21.85 5.50 -24.83
N GLY A 35 20.99 6.36 -24.29
CA GLY A 35 20.66 6.22 -22.86
C GLY A 35 19.77 5.00 -22.70
N GLN A 36 18.92 4.75 -23.71
CA GLN A 36 18.12 3.52 -23.64
C GLN A 36 19.02 2.30 -23.68
N ALA A 37 20.06 2.31 -24.53
CA ALA A 37 20.91 1.14 -24.65
C ALA A 37 21.66 0.89 -23.35
N GLU A 38 22.09 1.97 -22.71
CA GLU A 38 22.71 1.89 -21.39
C GLU A 38 21.81 1.17 -20.39
N ALA A 39 20.53 1.53 -20.42
CA ALA A 39 19.61 0.95 -19.43
C ALA A 39 19.46 -0.55 -19.65
N VAL A 40 19.37 -0.96 -20.93
CA VAL A 40 19.27 -2.39 -21.21
C VAL A 40 20.51 -3.09 -20.65
N ARG A 41 21.67 -2.45 -20.82
CA ARG A 41 22.90 -3.08 -20.32
C ARG A 41 22.94 -3.16 -18.80
N SER A 42 22.35 -2.16 -18.14
CA SER A 42 22.30 -2.16 -16.69
C SER A 42 21.57 -3.38 -16.17
N GLY A 43 20.45 -3.67 -16.83
CA GLY A 43 19.66 -4.86 -16.55
C GLY A 43 20.47 -6.14 -16.69
N GLU A 44 21.23 -6.28 -17.77
CA GLU A 44 22.08 -7.45 -17.93
C GLU A 44 23.03 -7.62 -16.76
N LEU A 45 23.67 -6.52 -16.36
CA LEU A 45 24.63 -6.62 -15.27
C LEU A 45 23.97 -7.08 -13.97
N ILE A 46 22.83 -6.47 -13.65
CA ILE A 46 22.11 -6.94 -12.47
C ILE A 46 21.81 -8.43 -12.52
N ALA A 47 21.44 -8.93 -13.70
CA ALA A 47 21.18 -10.36 -13.81
C ALA A 47 22.44 -11.23 -13.79
N GLU A 48 23.47 -10.78 -14.50
CA GLU A 48 24.69 -11.59 -14.50
C GLU A 48 25.29 -11.65 -13.10
N HIS A 49 24.95 -10.68 -12.24
CA HIS A 49 25.51 -10.69 -10.89
C HIS A 49 24.51 -11.25 -9.87
N ASP A 50 23.54 -12.01 -10.30
CA ASP A 50 22.37 -12.49 -9.59
C ASP A 50 21.93 -11.55 -8.48
N LEU A 51 21.61 -10.32 -8.89
CA LEU A 51 21.09 -9.34 -7.94
C LEU A 51 19.65 -9.00 -8.31
N LEU A 52 18.82 -10.02 -8.48
CA LEU A 52 17.46 -9.79 -8.99
C LEU A 52 16.59 -9.02 -8.01
N PRO A 53 16.13 -7.83 -8.38
CA PRO A 53 15.34 -7.06 -7.40
C PRO A 53 13.96 -7.63 -7.07
N ASP A 54 13.52 -7.32 -5.87
CA ASP A 54 12.21 -7.71 -5.37
C ASP A 54 11.21 -6.54 -5.46
N VAL A 55 11.78 -5.35 -5.47
CA VAL A 55 10.95 -4.14 -5.56
C VAL A 55 11.74 -3.02 -6.25
N LEU A 56 11.00 -2.14 -6.93
CA LEU A 56 11.60 -1.01 -7.63
C LEU A 56 11.07 0.32 -7.10
N TYR A 57 11.94 1.27 -6.84
CA TYR A 57 11.66 2.67 -6.59
C TYR A 57 12.23 3.57 -7.68
N THR A 58 11.42 4.52 -8.16
CA THR A 58 11.87 5.51 -9.12
C THR A 58 11.39 6.91 -8.71
N SER A 59 11.93 7.92 -9.36
CA SER A 59 11.39 9.26 -9.36
C SER A 59 10.13 9.33 -10.22
N LEU A 60 9.63 10.54 -10.42
CA LEU A 60 8.50 10.75 -11.31
C LEU A 60 8.94 11.14 -12.72
N LEU A 61 10.23 11.04 -13.01
CA LEU A 61 10.78 11.56 -14.26
C LEU A 61 10.97 10.43 -15.26
N ARG A 62 10.45 10.61 -16.49
CA ARG A 62 10.43 9.54 -17.47
C ARG A 62 11.82 8.99 -17.77
N ARG A 63 12.89 9.75 -17.70
CA ARG A 63 14.20 9.18 -18.01
C ARG A 63 14.64 8.11 -17.01
N ALA A 64 14.21 8.27 -15.76
CA ALA A 64 14.48 7.23 -14.77
C ALA A 64 13.47 6.10 -14.93
N ILE A 65 12.22 6.46 -15.16
CA ILE A 65 11.19 5.43 -15.22
C ILE A 65 11.44 4.47 -16.36
N THR A 66 11.78 5.02 -17.53
CA THR A 66 12.07 4.18 -18.69
C THR A 66 13.38 3.43 -18.53
N THR A 67 14.39 4.05 -17.93
CA THR A 67 15.60 3.32 -17.55
C THR A 67 15.26 2.08 -16.73
N ALA A 68 14.40 2.22 -15.73
CA ALA A 68 13.97 1.12 -14.89
C ALA A 68 13.26 0.03 -15.67
N HIS A 69 12.31 0.45 -16.51
CA HIS A 69 11.56 -0.54 -17.28
C HIS A 69 12.51 -1.37 -18.11
N LEU A 70 13.45 -0.69 -18.76
CA LEU A 70 14.36 -1.38 -19.70
C LEU A 70 15.30 -2.30 -18.93
N ALA A 71 15.75 -1.84 -17.77
CA ALA A 71 16.65 -2.71 -17.02
C ALA A 71 15.92 -3.93 -16.50
N LEU A 72 14.72 -3.73 -15.95
CA LEU A 72 13.98 -4.88 -15.44
C LEU A 72 13.61 -5.84 -16.57
N ASP A 73 13.33 -5.27 -17.75
CA ASP A 73 13.01 -6.20 -18.83
C ASP A 73 14.21 -7.06 -19.20
N SER A 74 15.41 -6.45 -19.26
CA SER A 74 16.53 -7.33 -19.61
C SER A 74 16.89 -8.26 -18.46
N ALA A 75 16.62 -7.92 -17.21
CA ALA A 75 16.85 -8.77 -16.06
C ALA A 75 15.69 -9.75 -15.85
N ASP A 76 14.66 -9.65 -16.69
CA ASP A 76 13.50 -10.51 -16.57
C ASP A 76 12.80 -10.41 -15.21
N ARG A 77 12.68 -9.20 -14.66
CA ARG A 77 11.99 -8.91 -13.41
C ARG A 77 10.97 -7.77 -13.60
N LEU A 78 10.37 -7.72 -14.78
CA LEU A 78 9.40 -6.68 -15.12
C LEU A 78 8.20 -6.73 -14.18
N TRP A 79 7.89 -7.91 -13.66
CA TRP A 79 6.66 -8.16 -12.93
C TRP A 79 6.68 -7.68 -11.48
N ILE A 80 7.82 -7.18 -11.01
CA ILE A 80 7.90 -6.81 -9.60
C ILE A 80 7.15 -5.51 -9.29
N PRO A 81 6.80 -5.32 -8.02
CA PRO A 81 6.10 -4.09 -7.65
C PRO A 81 7.03 -2.89 -7.77
N VAL A 82 6.40 -1.75 -8.03
CA VAL A 82 7.18 -0.51 -8.16
C VAL A 82 6.41 0.59 -7.45
N ARG A 83 7.18 1.50 -6.89
CA ARG A 83 6.69 2.71 -6.26
C ARG A 83 7.52 3.88 -6.76
N ARG A 84 6.85 4.99 -6.98
CA ARG A 84 7.47 6.22 -7.46
C ARG A 84 7.22 7.38 -6.51
N SER A 85 8.23 8.27 -6.44
CA SER A 85 8.03 9.42 -5.59
C SER A 85 8.81 10.62 -6.15
N TRP A 86 8.19 11.80 -6.02
CA TRP A 86 8.89 13.05 -6.30
C TRP A 86 10.16 13.14 -5.47
N ARG A 87 10.20 12.50 -4.31
CA ARG A 87 11.38 12.70 -3.44
C ARG A 87 12.64 12.08 -4.03
N LEU A 88 12.53 11.31 -5.10
CA LEU A 88 13.65 10.69 -5.80
C LEU A 88 14.02 11.52 -7.03
N ASN A 89 13.30 12.61 -7.28
CA ASN A 89 13.61 13.44 -8.44
C ASN A 89 15.02 14.01 -8.36
N GLU A 90 15.57 14.27 -9.53
CA GLU A 90 16.74 15.10 -9.75
C GLU A 90 16.57 16.41 -8.97
N ARG A 91 17.69 17.07 -8.66
CA ARG A 91 17.65 18.41 -8.12
C ARG A 91 16.88 19.37 -9.02
N HIS A 92 16.02 20.23 -8.48
CA HIS A 92 15.36 21.22 -9.37
C HIS A 92 16.43 22.25 -9.73
N TYR A 93 16.58 22.64 -11.00
CA TYR A 93 17.62 23.58 -11.37
C TYR A 93 17.19 25.04 -11.41
N GLY A 94 16.03 25.37 -10.85
CA GLY A 94 15.60 26.75 -10.82
C GLY A 94 15.53 27.38 -12.19
N ALA A 95 15.85 28.66 -12.23
CA ALA A 95 15.79 29.45 -13.45
C ALA A 95 16.79 28.98 -14.51
N LEU A 96 17.65 28.03 -14.20
CA LEU A 96 18.59 27.44 -15.14
C LEU A 96 17.93 26.38 -16.02
N GLN A 97 16.77 25.87 -15.60
CA GLN A 97 16.12 24.85 -16.44
C GLN A 97 15.83 25.35 -17.84
N GLY A 98 16.27 24.67 -18.89
CA GLY A 98 15.96 25.09 -20.25
C GLY A 98 17.03 25.91 -20.94
N LEU A 99 18.05 26.35 -20.23
CA LEU A 99 19.17 27.15 -20.72
C LEU A 99 20.36 26.26 -21.07
N ASP A 100 21.17 26.70 -22.03
CA ASP A 100 22.37 25.97 -22.46
C ASP A 100 23.49 26.21 -21.46
N LYS A 101 24.16 25.14 -21.06
CA LYS A 101 25.19 25.17 -20.04
C LYS A 101 26.41 25.98 -20.49
N ALA A 102 26.83 25.75 -21.72
CA ALA A 102 27.96 26.54 -22.22
C ALA A 102 27.62 28.01 -22.28
N GLU A 103 26.49 28.35 -22.90
CA GLU A 103 26.08 29.73 -23.06
C GLU A 103 26.02 30.43 -21.71
N THR A 104 25.55 29.69 -20.72
CA THR A 104 25.38 30.14 -19.34
C THR A 104 26.72 30.34 -18.64
N LYS A 105 27.64 29.42 -18.91
CA LYS A 105 29.03 29.51 -18.45
C LYS A 105 29.72 30.75 -18.98
N ALA A 106 29.57 31.00 -20.28
CA ALA A 106 30.18 32.17 -20.90
C ALA A 106 29.81 33.48 -20.21
N ARG A 107 28.52 33.67 -20.02
CA ARG A 107 27.89 34.87 -19.51
C ARG A 107 28.09 35.11 -18.02
N TYR A 108 28.04 34.03 -17.24
CA TYR A 108 28.11 34.18 -15.79
C TYR A 108 29.48 33.92 -15.20
N GLY A 109 30.32 33.21 -15.95
CA GLY A 109 31.65 32.98 -15.37
C GLY A 109 31.78 31.55 -14.88
N GLU A 110 33.04 31.18 -14.68
CA GLU A 110 33.43 29.84 -14.28
C GLU A 110 32.93 29.58 -12.87
N GLU A 111 33.41 30.45 -11.97
CA GLU A 111 33.08 30.25 -10.56
C GLU A 111 31.58 30.17 -10.36
N GLN A 112 30.80 31.07 -10.96
CA GLN A 112 29.36 31.01 -10.72
C GLN A 112 28.80 29.70 -11.25
N PHE A 113 29.23 29.32 -12.45
CA PHE A 113 28.74 28.09 -13.04
C PHE A 113 29.01 26.89 -12.14
N MET A 114 30.23 26.78 -11.62
CA MET A 114 30.48 25.60 -10.78
C MET A 114 29.78 25.69 -9.43
N ALA A 115 29.55 26.90 -8.92
CA ALA A 115 28.82 27.01 -7.66
C ALA A 115 27.38 26.52 -7.79
N TRP A 116 26.73 26.88 -8.89
CA TRP A 116 25.36 26.46 -9.15
C TRP A 116 25.23 24.94 -9.27
N ARG A 117 26.11 24.35 -10.07
CA ARG A 117 25.99 22.92 -10.30
C ARG A 117 26.26 22.09 -9.04
N ARG A 118 27.11 22.59 -8.13
CA ARG A 118 27.56 21.69 -7.08
C ARG A 118 27.51 22.27 -5.68
N SER A 119 27.37 23.58 -5.50
CA SER A 119 27.39 24.14 -4.15
C SER A 119 26.38 23.45 -3.25
N TYR A 120 26.87 22.87 -2.16
CA TYR A 120 25.98 22.06 -1.32
C TYR A 120 24.79 22.84 -0.77
N ASP A 121 24.98 24.08 -0.35
CA ASP A 121 23.94 24.81 0.36
C ASP A 121 23.39 26.01 -0.40
N THR A 122 23.97 26.41 -1.52
CA THR A 122 23.40 27.52 -2.27
C THR A 122 22.79 27.04 -3.59
N PRO A 123 21.48 27.16 -3.68
CA PRO A 123 20.79 26.78 -4.91
C PRO A 123 20.84 27.85 -6.00
N PRO A 124 20.56 27.43 -7.23
CA PRO A 124 20.47 28.40 -8.32
C PRO A 124 19.30 29.34 -8.07
N PRO A 125 19.19 30.43 -8.83
CA PRO A 125 18.08 31.36 -8.59
C PRO A 125 16.73 30.71 -8.89
N PRO A 126 15.66 31.19 -8.28
CA PRO A 126 14.33 30.56 -8.41
C PRO A 126 13.75 30.71 -9.80
N ILE A 127 13.06 29.68 -10.28
CA ILE A 127 12.39 29.77 -11.56
C ILE A 127 11.14 30.64 -11.46
N GLU A 128 10.69 31.20 -12.59
CA GLU A 128 9.47 32.00 -12.64
C GLU A 128 8.24 31.12 -12.65
N ARG A 129 7.37 31.27 -11.66
CA ARG A 129 6.12 30.52 -11.64
C ARG A 129 5.40 30.64 -12.98
N GLY A 130 4.82 29.54 -13.47
CA GLY A 130 4.09 29.62 -14.71
C GLY A 130 4.94 29.63 -15.96
N SER A 131 6.26 29.72 -15.85
CA SER A 131 7.10 29.91 -17.03
C SER A 131 7.32 28.62 -17.80
N GLN A 132 7.90 28.71 -18.99
CA GLN A 132 7.95 27.61 -19.92
C GLN A 132 8.56 26.33 -19.35
N PHE A 133 9.63 26.40 -18.56
CA PHE A 133 10.29 25.19 -18.02
C PHE A 133 10.04 24.95 -16.55
N SER A 134 8.92 25.41 -16.04
CA SER A 134 8.47 25.26 -14.67
C SER A 134 7.40 24.17 -14.55
N GLN A 135 7.48 23.47 -13.44
CA GLN A 135 6.67 22.34 -13.07
C GLN A 135 5.62 22.74 -12.04
N ASP A 136 5.66 23.98 -11.57
CA ASP A 136 4.77 24.39 -10.48
C ASP A 136 3.31 24.12 -10.77
N ALA A 137 2.84 24.01 -12.00
CA ALA A 137 1.41 23.80 -12.25
C ALA A 137 1.09 22.38 -12.70
N ASP A 138 2.11 21.53 -12.65
CA ASP A 138 1.89 20.13 -13.03
C ASP A 138 1.09 19.38 -11.96
N PRO A 139 0.01 18.70 -12.31
CA PRO A 139 -0.81 18.02 -11.30
C PRO A 139 -0.04 17.02 -10.44
N ARG A 140 1.02 16.45 -11.02
CA ARG A 140 1.73 15.43 -10.23
C ARG A 140 2.33 16.00 -8.96
N TYR A 141 2.48 17.31 -8.85
CA TYR A 141 3.07 17.93 -7.67
C TYR A 141 2.04 18.71 -6.89
N ALA A 142 0.78 18.47 -7.23
CA ALA A 142 -0.31 19.20 -6.57
C ALA A 142 -0.26 19.06 -5.06
N ASP A 143 0.01 17.86 -4.54
CA ASP A 143 -0.07 17.70 -3.09
C ASP A 143 1.06 18.38 -2.35
N ILE A 144 2.10 18.79 -3.07
CA ILE A 144 3.19 19.54 -2.43
C ILE A 144 3.16 20.98 -2.88
N GLY A 145 1.99 21.44 -3.32
CA GLY A 145 1.90 22.85 -3.68
C GLY A 145 2.67 23.25 -4.92
N GLY A 146 2.93 22.30 -5.80
CA GLY A 146 3.66 22.51 -7.02
C GLY A 146 5.15 22.37 -6.89
N GLY A 147 5.65 22.29 -5.66
CA GLY A 147 7.04 22.02 -5.42
C GLY A 147 7.92 23.24 -5.30
N PRO A 148 9.22 22.97 -5.17
CA PRO A 148 10.20 24.04 -5.00
C PRO A 148 10.50 24.72 -6.33
N LEU A 149 11.01 25.94 -6.28
CA LEU A 149 11.27 26.71 -7.48
C LEU A 149 12.75 26.61 -7.86
N THR A 150 13.47 25.91 -7.00
CA THR A 150 14.91 25.70 -7.13
C THR A 150 15.38 24.85 -5.95
N GLU A 151 16.50 24.18 -6.13
CA GLU A 151 17.07 23.33 -5.09
C GLU A 151 18.59 23.28 -5.14
N CYS A 152 19.21 23.24 -3.96
CA CYS A 152 20.59 22.84 -3.77
C CYS A 152 20.60 21.39 -3.28
N LEU A 153 21.75 20.74 -3.25
CA LEU A 153 21.88 19.36 -2.77
C LEU A 153 21.39 19.20 -1.34
N ALA A 154 21.64 20.17 -0.48
CA ALA A 154 21.08 20.14 0.88
C ALA A 154 19.57 19.98 0.92
N ASP A 155 18.87 20.67 0.03
CA ASP A 155 17.45 20.60 -0.16
C ASP A 155 17.02 19.20 -0.60
N VAL A 156 17.81 18.61 -1.49
CA VAL A 156 17.47 17.27 -2.00
C VAL A 156 17.62 16.25 -0.88
N VAL A 157 18.70 16.43 -0.12
CA VAL A 157 18.91 15.55 1.02
C VAL A 157 17.76 15.63 2.00
N ALA A 158 17.25 16.85 2.26
CA ALA A 158 16.17 16.97 3.23
C ALA A 158 14.88 16.30 2.76
N ARG A 159 14.57 16.38 1.47
CA ARG A 159 13.28 15.90 1.01
C ARG A 159 13.38 14.43 0.58
N PHE A 160 14.60 13.96 0.35
CA PHE A 160 14.77 12.55 -0.04
C PHE A 160 14.76 11.61 1.14
N LEU A 161 15.48 11.98 2.22
CA LEU A 161 15.60 11.03 3.31
C LEU A 161 14.30 10.58 3.97
N PRO A 162 13.27 11.38 4.14
CA PRO A 162 12.06 10.82 4.78
C PRO A 162 11.51 9.64 4.02
N TYR A 163 11.72 9.64 2.70
CA TYR A 163 11.12 8.56 1.91
C TYR A 163 11.96 7.32 2.09
N PHE A 164 13.29 7.52 2.10
CA PHE A 164 14.20 6.41 2.35
C PHE A 164 13.91 5.74 3.70
N THR A 165 13.81 6.51 4.78
CA THR A 165 13.67 5.85 6.08
C THR A 165 12.30 5.23 6.26
N ASP A 166 11.26 5.93 5.78
CA ASP A 166 9.92 5.48 6.14
C ASP A 166 9.35 4.49 5.13
N VAL A 167 9.95 4.41 3.93
CA VAL A 167 9.41 3.50 2.93
C VAL A 167 10.44 2.46 2.54
N ILE A 168 11.59 2.87 2.03
CA ILE A 168 12.55 1.93 1.46
C ILE A 168 13.28 1.08 2.50
N VAL A 169 13.75 1.65 3.60
CA VAL A 169 14.45 0.89 4.64
C VAL A 169 13.69 -0.33 5.12
N GLY A 170 12.39 -0.23 5.34
CA GLY A 170 11.60 -1.36 5.83
C GLY A 170 11.61 -2.50 4.85
N ASP A 171 11.71 -2.19 3.56
CA ASP A 171 11.88 -3.24 2.56
C ASP A 171 13.21 -3.95 2.78
N LEU A 172 14.28 -3.17 2.96
CA LEU A 172 15.59 -3.73 3.18
C LEU A 172 15.65 -4.56 4.44
N ARG A 173 14.93 -4.09 5.46
CA ARG A 173 14.95 -4.76 6.74
C ARG A 173 14.38 -6.17 6.70
N VAL A 174 13.42 -6.39 5.80
CA VAL A 174 12.84 -7.73 5.72
C VAL A 174 13.52 -8.56 4.64
N GLY A 175 14.62 -8.07 4.12
CA GLY A 175 15.52 -8.86 3.29
C GLY A 175 15.29 -8.73 1.81
N LYS A 176 14.47 -7.77 1.39
CA LYS A 176 14.25 -7.55 -0.03
C LYS A 176 15.44 -6.90 -0.72
N THR A 177 15.73 -7.38 -1.94
CA THR A 177 16.64 -6.70 -2.83
C THR A 177 15.92 -5.50 -3.46
N VAL A 178 16.40 -4.30 -3.16
CA VAL A 178 15.73 -3.09 -3.61
C VAL A 178 16.56 -2.42 -4.71
N LEU A 179 15.87 -2.06 -5.80
CA LEU A 179 16.48 -1.32 -6.88
C LEU A 179 15.89 0.09 -6.88
N ILE A 180 16.77 1.07 -6.75
CA ILE A 180 16.40 2.48 -6.92
C ILE A 180 16.99 3.00 -8.23
N VAL A 181 16.15 3.44 -9.14
CA VAL A 181 16.58 4.05 -10.38
C VAL A 181 16.23 5.53 -10.30
N ALA A 182 17.28 6.34 -10.24
CA ALA A 182 17.07 7.77 -10.09
C ALA A 182 18.17 8.58 -10.75
N HIS A 183 18.63 9.66 -10.12
CA HIS A 183 19.39 10.70 -10.79
C HIS A 183 20.64 11.07 -10.03
N GLY A 184 21.49 11.85 -10.68
CA GLY A 184 22.75 12.27 -10.07
C GLY A 184 22.61 12.78 -8.67
N ASN A 185 21.86 13.86 -8.46
CA ASN A 185 21.83 14.46 -7.14
C ASN A 185 21.08 13.66 -6.10
N SER A 186 20.04 12.95 -6.53
CA SER A 186 19.25 12.26 -5.49
C SER A 186 20.01 11.04 -5.00
N LEU A 187 20.77 10.41 -5.93
CA LEU A 187 21.55 9.27 -5.49
C LEU A 187 22.75 9.75 -4.68
N ARG A 188 23.29 10.90 -5.09
CA ARG A 188 24.36 11.47 -4.25
C ARG A 188 23.84 11.84 -2.88
N ALA A 189 22.59 12.31 -2.80
CA ALA A 189 22.01 12.58 -1.50
C ALA A 189 21.93 11.31 -0.65
N LEU A 190 21.54 10.19 -1.27
CA LEU A 190 21.47 8.93 -0.53
C LEU A 190 22.84 8.45 -0.07
N VAL A 191 23.81 8.52 -0.98
CA VAL A 191 25.17 8.07 -0.64
C VAL A 191 25.73 8.90 0.50
N LYS A 192 25.48 10.21 0.47
CA LYS A 192 25.92 11.08 1.54
C LYS A 192 25.44 10.54 2.90
N HIS A 193 24.20 10.05 2.90
CA HIS A 193 23.55 9.60 4.12
C HIS A 193 24.07 8.21 4.52
N LEU A 194 24.16 7.31 3.55
CA LEU A 194 24.62 5.96 3.88
C LEU A 194 26.02 5.95 4.46
N ASP A 195 26.93 6.65 3.79
CA ASP A 195 28.35 6.66 4.15
C ASP A 195 28.67 7.79 5.10
N GLN A 196 27.64 8.52 5.51
CA GLN A 196 27.80 9.65 6.44
C GLN A 196 28.91 10.58 6.00
N MET A 197 28.78 10.97 4.74
CA MET A 197 29.77 11.85 4.13
C MET A 197 29.60 13.30 4.56
N SER A 198 30.72 14.02 4.64
CA SER A 198 30.62 15.44 4.93
C SER A 198 30.06 16.23 3.75
N ASP A 199 29.56 17.42 4.06
CA ASP A 199 29.18 18.37 3.01
C ASP A 199 30.31 18.53 2.01
N ASP A 200 31.52 18.70 2.55
CA ASP A 200 32.64 18.91 1.64
C ASP A 200 32.89 17.68 0.79
N GLU A 201 32.90 16.50 1.41
CA GLU A 201 33.22 15.31 0.60
C GLU A 201 32.18 15.07 -0.47
N ILE A 202 30.88 15.26 -0.26
CA ILE A 202 30.02 14.76 -1.34
C ILE A 202 30.08 15.69 -2.54
N VAL A 203 30.59 16.90 -2.35
CA VAL A 203 30.54 17.77 -3.53
C VAL A 203 31.48 17.23 -4.58
N GLY A 204 32.51 16.52 -4.13
CA GLY A 204 33.44 15.91 -5.07
C GLY A 204 32.98 14.60 -5.67
N LEU A 205 31.95 13.96 -5.13
CA LEU A 205 31.50 12.65 -5.56
C LEU A 205 30.77 12.65 -6.90
N ASN A 206 31.22 11.80 -7.81
CA ASN A 206 30.52 11.66 -9.08
C ASN A 206 30.02 10.23 -9.24
N ILE A 207 28.73 10.11 -9.57
CA ILE A 207 28.20 8.77 -9.80
C ILE A 207 27.97 8.52 -11.28
N PRO A 208 28.59 7.47 -11.77
CA PRO A 208 28.55 7.18 -13.21
C PRO A 208 27.16 6.69 -13.61
N THR A 209 26.79 6.96 -14.85
CA THR A 209 25.52 6.52 -15.37
C THR A 209 25.59 5.05 -15.76
N GLY A 210 24.48 4.31 -15.75
CA GLY A 210 24.45 2.99 -16.31
C GLY A 210 25.04 1.87 -15.50
N ILE A 211 25.73 2.15 -14.39
CA ILE A 211 26.38 1.03 -13.70
C ILE A 211 25.83 0.87 -12.29
N PRO A 212 25.10 -0.21 -12.06
CA PRO A 212 24.52 -0.41 -10.73
C PRO A 212 25.57 -0.43 -9.63
N LEU A 213 25.19 0.19 -8.53
CA LEU A 213 25.98 0.25 -7.32
C LEU A 213 25.32 -0.54 -6.19
N ARG A 214 25.96 -1.61 -5.72
CA ARG A 214 25.41 -2.40 -4.64
C ARG A 214 25.90 -1.99 -3.26
N TYR A 215 24.95 -1.72 -2.37
CA TYR A 215 25.27 -1.49 -0.97
C TYR A 215 24.88 -2.74 -0.18
N ASP A 216 25.84 -3.17 0.65
CA ASP A 216 25.62 -4.25 1.59
C ASP A 216 25.44 -3.64 2.97
N LEU A 217 24.22 -3.60 3.50
CA LEU A 217 24.02 -2.87 4.75
C LEU A 217 23.88 -3.80 5.94
N ASP A 218 24.22 -3.26 7.13
CA ASP A 218 23.98 -4.03 8.36
C ASP A 218 22.58 -3.72 8.86
N SER A 219 22.25 -4.26 10.04
CA SER A 219 20.92 -4.17 10.60
C SER A 219 20.57 -2.72 10.90
N ALA A 220 21.61 -1.90 11.06
CA ALA A 220 21.35 -0.50 11.35
C ALA A 220 21.44 0.29 10.05
N MET A 221 21.49 -0.41 8.93
CA MET A 221 21.50 0.22 7.62
C MET A 221 22.80 0.98 7.35
N ARG A 222 23.84 0.71 8.12
CA ARG A 222 25.21 1.16 7.87
C ARG A 222 25.91 0.30 6.83
N PRO A 223 26.52 0.87 5.80
CA PRO A 223 27.24 0.07 4.81
C PRO A 223 28.37 -0.76 5.42
N LEU A 224 28.50 -1.99 4.97
CA LEU A 224 29.62 -2.86 5.32
C LEU A 224 30.83 -2.59 4.41
N VAL A 225 30.56 -2.03 3.24
CA VAL A 225 31.59 -1.57 2.32
C VAL A 225 31.33 -0.08 2.07
N ARG A 226 32.12 0.78 2.72
CA ARG A 226 32.00 2.21 2.48
C ARG A 226 32.10 2.49 0.97
N GLY A 227 31.13 3.25 0.49
CA GLY A 227 31.00 3.64 -0.88
C GLY A 227 30.39 2.59 -1.79
N GLY A 228 29.99 1.44 -1.24
CA GLY A 228 29.31 0.43 -2.03
C GLY A 228 30.22 -0.22 -3.04
N THR A 229 29.66 -1.13 -3.84
CA THR A 229 30.43 -1.85 -4.84
C THR A 229 29.75 -1.79 -6.19
N TYR A 230 30.43 -1.21 -7.18
CA TYR A 230 29.92 -1.17 -8.55
C TYR A 230 30.00 -2.53 -9.21
N LEU A 231 28.97 -2.85 -10.01
CA LEU A 231 28.99 -4.15 -10.66
C LEU A 231 30.05 -4.21 -11.77
N ASP A 232 30.43 -3.06 -12.29
CA ASP A 232 31.49 -2.88 -13.28
C ASP A 232 32.41 -1.73 -12.84
N PRO A 233 33.28 -2.09 -11.91
CA PRO A 233 34.16 -1.12 -11.25
C PRO A 233 35.03 -0.35 -12.25
N GLU A 234 35.42 -0.98 -13.35
CA GLU A 234 36.24 -0.34 -14.38
C GLU A 234 35.42 0.73 -15.06
N ALA A 235 34.28 0.27 -15.56
CA ALA A 235 33.34 1.18 -16.21
C ALA A 235 33.00 2.32 -15.27
N ALA A 236 32.88 1.93 -13.99
CA ALA A 236 32.51 2.92 -12.97
C ALA A 236 33.52 4.05 -12.91
N ALA A 237 34.78 3.68 -12.79
CA ALA A 237 35.87 4.65 -12.78
C ALA A 237 35.85 5.50 -14.05
N ALA A 238 35.48 4.89 -15.18
CA ALA A 238 35.52 5.65 -16.42
C ALA A 238 34.24 6.47 -16.59
N GLY A 239 33.12 5.98 -16.08
CA GLY A 239 31.88 6.74 -16.15
C GLY A 239 31.94 7.92 -15.20
N ALA A 240 32.61 7.70 -14.07
CA ALA A 240 32.80 8.75 -13.08
C ALA A 240 33.58 9.90 -13.73
N ALA A 241 34.41 9.52 -14.69
CA ALA A 241 35.15 10.55 -15.43
C ALA A 241 34.25 11.17 -16.49
N ALA A 242 33.75 10.32 -17.38
CA ALA A 242 32.97 10.65 -18.55
C ALA A 242 31.98 11.80 -18.34
N VAL A 243 31.42 11.89 -17.16
CA VAL A 243 30.36 12.77 -16.70
C VAL A 243 30.13 14.01 -17.55
N ALA A 244 28.90 14.54 -17.44
CA ALA A 244 28.44 15.70 -18.20
C ALA A 244 28.09 15.33 -19.64
N ASN B 3 -18.00 12.02 -8.70
CA ASN B 3 -17.98 11.14 -9.85
C ASN B 3 -17.41 9.76 -9.52
N THR B 4 -18.07 8.71 -9.99
CA THR B 4 -17.38 7.43 -10.09
C THR B 4 -16.34 7.61 -11.19
N GLY B 5 -15.12 7.11 -11.04
CA GLY B 5 -14.09 7.34 -12.03
C GLY B 5 -14.36 6.59 -13.33
N SER B 6 -13.76 7.01 -14.45
CA SER B 6 -13.84 6.25 -15.69
C SER B 6 -12.93 5.02 -15.62
N LEU B 7 -13.37 3.92 -16.19
CA LEU B 7 -12.60 2.70 -16.26
C LEU B 7 -12.23 2.42 -17.72
N VAL B 8 -10.94 2.34 -17.96
CA VAL B 8 -10.44 2.12 -19.31
C VAL B 8 -9.75 0.76 -19.38
N LEU B 9 -10.22 -0.13 -20.24
CA LEU B 9 -9.64 -1.44 -20.47
C LEU B 9 -8.87 -1.45 -21.79
N LEU B 10 -7.72 -2.11 -21.79
CA LEU B 10 -6.87 -2.23 -22.95
C LEU B 10 -6.29 -3.63 -23.06
N ARG B 11 -6.55 -4.30 -24.16
CA ARG B 11 -5.98 -5.59 -24.47
C ARG B 11 -4.72 -5.42 -25.33
N HIS B 12 -3.59 -5.96 -24.89
CA HIS B 12 -2.33 -5.76 -25.60
C HIS B 12 -2.40 -6.26 -27.04
N GLY B 13 -1.51 -5.72 -27.85
CA GLY B 13 -1.39 -6.11 -29.25
C GLY B 13 -0.53 -7.33 -29.46
N GLU B 14 -0.11 -7.53 -30.69
CA GLU B 14 0.56 -8.70 -31.19
C GLU B 14 1.82 -9.09 -30.44
N SER B 15 1.87 -10.34 -29.98
CA SER B 15 3.05 -10.85 -29.30
C SER B 15 3.86 -11.70 -30.28
N ASP B 16 5.02 -12.12 -29.84
CA ASP B 16 5.84 -13.02 -30.66
C ASP B 16 5.11 -14.34 -30.92
N TRP B 17 4.37 -14.84 -29.93
CA TRP B 17 3.75 -16.15 -30.15
C TRP B 17 2.47 -16.02 -30.97
N ASN B 18 1.86 -14.84 -30.91
CA ASN B 18 0.77 -14.54 -31.83
C ASN B 18 1.33 -14.69 -33.26
N ALA B 19 2.50 -14.11 -33.49
CA ALA B 19 3.14 -14.18 -34.80
C ALA B 19 3.47 -15.61 -35.23
N LEU B 20 3.83 -16.49 -34.32
CA LEU B 20 4.12 -17.90 -34.52
C LEU B 20 2.89 -18.80 -34.46
N ASN B 21 1.76 -18.19 -34.11
CA ASN B 21 0.49 -18.89 -34.01
C ASN B 21 0.50 -19.98 -32.95
N LEU B 22 1.07 -19.68 -31.80
CA LEU B 22 1.10 -20.63 -30.70
C LEU B 22 0.16 -20.20 -29.57
N PHE B 23 -0.43 -21.19 -28.91
CA PHE B 23 -1.12 -21.00 -27.64
C PHE B 23 -0.17 -20.48 -26.56
N THR B 24 -0.46 -19.36 -25.93
CA THR B 24 0.54 -18.76 -25.05
C THR B 24 0.21 -18.92 -23.58
N GLY B 25 -0.99 -18.49 -23.16
CA GLY B 25 -1.31 -18.71 -21.75
C GLY B 25 -0.38 -17.90 -20.85
N TRP B 26 0.14 -18.50 -19.79
CA TRP B 26 1.04 -17.77 -18.90
C TRP B 26 2.48 -17.74 -19.41
N VAL B 27 2.81 -18.32 -20.57
CA VAL B 27 4.19 -18.20 -21.06
C VAL B 27 4.52 -16.73 -21.29
N ASP B 28 5.64 -16.23 -20.79
CA ASP B 28 5.88 -14.80 -20.69
C ASP B 28 6.57 -14.20 -21.91
N VAL B 29 5.93 -14.29 -23.07
CA VAL B 29 6.56 -13.81 -24.31
C VAL B 29 6.43 -12.31 -24.48
N GLY B 30 7.29 -11.71 -25.31
CA GLY B 30 7.28 -10.30 -25.61
C GLY B 30 6.40 -9.93 -26.79
N LEU B 31 6.33 -8.63 -27.04
CA LEU B 31 5.61 -7.98 -28.10
C LEU B 31 6.43 -7.95 -29.38
N THR B 32 5.80 -8.12 -30.54
CA THR B 32 6.49 -7.85 -31.80
C THR B 32 6.63 -6.35 -32.03
N ASP B 33 7.37 -5.94 -33.08
CA ASP B 33 7.39 -4.53 -33.41
C ASP B 33 6.00 -3.96 -33.60
N LYS B 34 5.15 -4.68 -34.32
CA LYS B 34 3.79 -4.21 -34.50
C LYS B 34 3.08 -4.08 -33.16
N GLY B 35 3.26 -5.01 -32.22
CA GLY B 35 2.61 -4.94 -30.92
C GLY B 35 3.01 -3.70 -30.13
N GLN B 36 4.30 -3.38 -30.27
CA GLN B 36 4.80 -2.17 -29.62
C GLN B 36 4.22 -0.91 -30.26
N ALA B 37 4.12 -0.88 -31.59
CA ALA B 37 3.52 0.26 -32.27
C ALA B 37 2.05 0.46 -31.93
N GLU B 38 1.29 -0.62 -31.80
CA GLU B 38 -0.09 -0.54 -31.36
C GLU B 38 -0.21 0.07 -29.97
N ALA B 39 0.67 -0.32 -29.07
CA ALA B 39 0.59 0.19 -27.71
C ALA B 39 0.79 1.68 -27.66
N VAL B 40 1.77 2.15 -28.44
CA VAL B 40 1.98 3.59 -28.53
C VAL B 40 0.70 4.28 -28.98
N ARG B 41 0.01 3.68 -29.96
CA ARG B 41 -1.18 4.38 -30.48
C ARG B 41 -2.27 4.34 -29.45
N SER B 42 -2.25 3.27 -28.64
CA SER B 42 -3.22 3.11 -27.57
C SER B 42 -3.22 4.34 -26.67
N GLY B 43 -1.98 4.73 -26.36
CA GLY B 43 -1.69 5.86 -25.50
C GLY B 43 -2.17 7.17 -26.10
N GLU B 44 -1.96 7.31 -27.40
CA GLU B 44 -2.50 8.46 -28.12
C GLU B 44 -4.02 8.55 -28.04
N LEU B 45 -4.70 7.43 -28.31
CA LEU B 45 -6.15 7.38 -28.21
C LEU B 45 -6.63 7.81 -26.83
N ILE B 46 -5.96 7.32 -25.78
CA ILE B 46 -6.37 7.67 -24.43
C ILE B 46 -6.27 9.17 -24.19
N ALA B 47 -5.15 9.74 -24.61
CA ALA B 47 -4.89 11.16 -24.46
C ALA B 47 -5.84 12.00 -25.32
N GLU B 48 -6.04 11.52 -26.54
CA GLU B 48 -6.95 12.15 -27.49
C GLU B 48 -8.39 12.21 -26.99
N HIS B 49 -8.76 11.35 -26.05
CA HIS B 49 -10.14 11.33 -25.56
C HIS B 49 -10.22 11.83 -24.13
N ASP B 50 -9.18 12.49 -23.65
CA ASP B 50 -9.17 13.16 -22.35
C ASP B 50 -9.41 12.19 -21.21
N LEU B 51 -8.79 11.01 -21.33
CA LEU B 51 -8.96 9.97 -20.33
C LEU B 51 -7.65 9.64 -19.60
N LEU B 52 -6.99 10.66 -19.09
CA LEU B 52 -5.69 10.41 -18.47
C LEU B 52 -5.82 9.59 -17.19
N PRO B 53 -5.24 8.40 -17.15
CA PRO B 53 -5.38 7.61 -15.92
C PRO B 53 -4.65 8.20 -14.71
N ASP B 54 -5.18 7.85 -13.55
CA ASP B 54 -4.65 8.18 -12.25
C ASP B 54 -3.90 7.00 -11.61
N VAL B 55 -4.19 5.81 -12.07
CA VAL B 55 -3.54 4.57 -11.60
C VAL B 55 -3.62 3.50 -12.69
N LEU B 56 -2.64 2.61 -12.72
CA LEU B 56 -2.52 1.56 -13.72
C LEU B 56 -2.53 0.18 -13.08
N TYR B 57 -3.29 -0.75 -13.61
CA TYR B 57 -3.30 -2.15 -13.19
C TYR B 57 -2.87 -3.01 -14.38
N THR B 58 -1.91 -3.91 -14.16
CA THR B 58 -1.50 -4.86 -15.17
C THR B 58 -1.45 -6.29 -14.60
N SER B 59 -1.28 -7.24 -15.51
CA SER B 59 -0.93 -8.61 -15.15
C SER B 59 0.55 -8.73 -14.84
N LEU B 60 1.07 -9.95 -14.64
CA LEU B 60 2.50 -10.13 -14.44
C LEU B 60 3.22 -10.45 -15.74
N LEU B 61 2.49 -10.37 -16.84
CA LEU B 61 3.02 -10.78 -18.15
C LEU B 61 3.56 -9.59 -18.93
N ARG B 62 4.80 -9.69 -19.38
CA ARG B 62 5.53 -8.58 -20.01
C ARG B 62 4.79 -8.03 -21.21
N ARG B 63 4.07 -8.88 -21.96
CA ARG B 63 3.41 -8.27 -23.11
C ARG B 63 2.36 -7.27 -22.65
N ALA B 64 1.73 -7.41 -21.50
CA ALA B 64 0.81 -6.39 -20.99
C ALA B 64 1.57 -5.25 -20.32
N ILE B 65 2.60 -5.59 -19.55
CA ILE B 65 3.35 -4.56 -18.84
C ILE B 65 4.04 -3.58 -19.78
N THR B 66 4.65 -4.10 -20.85
CA THR B 66 5.30 -3.24 -21.83
C THR B 66 4.31 -2.40 -22.61
N THR B 67 3.18 -3.02 -22.95
CA THR B 67 2.09 -2.27 -23.57
C THR B 67 1.67 -1.09 -22.70
N ALA B 68 1.52 -1.34 -21.40
CA ALA B 68 1.13 -0.30 -20.46
C ALA B 68 2.16 0.82 -20.40
N HIS B 69 3.43 0.45 -20.34
CA HIS B 69 4.54 1.37 -20.34
C HIS B 69 4.53 2.29 -21.57
N LEU B 70 4.36 1.66 -22.72
CA LEU B 70 4.39 2.40 -23.99
C LEU B 70 3.18 3.33 -24.12
N ALA B 71 2.03 2.82 -23.68
CA ALA B 71 0.82 3.62 -23.70
C ALA B 71 0.91 4.85 -22.81
N LEU B 72 1.38 4.63 -21.60
CA LEU B 72 1.53 5.75 -20.65
C LEU B 72 2.57 6.74 -21.13
N ASP B 73 3.62 6.23 -21.77
CA ASP B 73 4.65 7.11 -22.30
C ASP B 73 4.01 8.03 -23.35
N SER B 74 3.24 7.47 -24.27
CA SER B 74 2.57 8.27 -25.29
C SER B 74 1.50 9.18 -24.67
N ALA B 75 0.91 8.74 -23.58
CA ALA B 75 -0.12 9.57 -22.94
C ALA B 75 0.48 10.58 -21.96
N ASP B 76 1.77 10.50 -21.73
CA ASP B 76 2.51 11.37 -20.80
C ASP B 76 2.01 11.23 -19.38
N ARG B 77 1.80 9.97 -18.99
CA ARG B 77 1.38 9.65 -17.64
C ARG B 77 2.22 8.53 -17.04
N LEU B 78 3.50 8.45 -17.38
CA LEU B 78 4.34 7.36 -16.89
C LEU B 78 4.53 7.40 -15.37
N TRP B 79 4.32 8.58 -14.81
CA TRP B 79 4.62 8.78 -13.41
C TRP B 79 3.59 8.20 -12.47
N ILE B 80 2.43 7.77 -13.01
CA ILE B 80 1.37 7.39 -12.08
C ILE B 80 1.65 6.05 -11.39
N PRO B 81 0.99 5.81 -10.25
CA PRO B 81 1.11 4.54 -9.56
C PRO B 81 0.65 3.34 -10.39
N VAL B 82 1.33 2.23 -10.19
CA VAL B 82 1.01 0.99 -10.86
C VAL B 82 0.98 -0.16 -9.86
N ARG B 83 0.03 -1.07 -10.07
CA ARG B 83 -0.05 -2.29 -9.32
C ARG B 83 -0.22 -3.45 -10.31
N ARG B 84 0.34 -4.60 -9.96
CA ARG B 84 0.33 -5.75 -10.86
C ARG B 84 -0.19 -6.97 -10.12
N SER B 85 -0.91 -7.85 -10.83
CA SER B 85 -1.42 -9.03 -10.16
C SER B 85 -1.55 -10.19 -11.13
N TRP B 86 -1.22 -11.40 -10.66
CA TRP B 86 -1.41 -12.60 -11.48
C TRP B 86 -2.89 -12.79 -11.84
N ARG B 87 -3.76 -12.21 -11.01
CA ARG B 87 -5.20 -12.32 -11.23
C ARG B 87 -5.64 -11.62 -12.51
N LEU B 88 -4.81 -10.75 -13.07
CA LEU B 88 -5.08 -10.13 -14.37
C LEU B 88 -4.44 -10.90 -15.52
N ASN B 89 -3.73 -11.98 -15.21
CA ASN B 89 -3.08 -12.78 -16.26
C ASN B 89 -4.07 -13.33 -17.28
N GLU B 90 -3.58 -13.56 -18.49
CA GLU B 90 -4.29 -14.39 -19.46
C GLU B 90 -4.71 -15.74 -18.89
N ARG B 91 -5.73 -16.38 -19.46
CA ARG B 91 -6.05 -17.74 -19.07
C ARG B 91 -4.83 -18.65 -19.23
N HIS B 92 -4.63 -19.54 -18.27
CA HIS B 92 -3.62 -20.59 -18.35
C HIS B 92 -4.07 -21.62 -19.39
N TYR B 93 -3.29 -21.94 -20.41
CA TYR B 93 -3.78 -22.83 -21.47
C TYR B 93 -3.38 -24.29 -21.22
N GLY B 94 -2.88 -24.62 -20.05
CA GLY B 94 -2.57 -25.99 -19.71
C GLY B 94 -1.63 -26.62 -20.72
N ALA B 95 -1.90 -27.88 -21.09
CA ALA B 95 -0.95 -28.60 -21.93
C ALA B 95 -0.88 -28.06 -23.35
N LEU B 96 -1.74 -27.09 -23.67
CA LEU B 96 -1.73 -26.47 -25.00
C LEU B 96 -0.63 -25.44 -25.10
N GLN B 97 -0.10 -24.99 -23.96
CA GLN B 97 0.90 -23.93 -24.01
C GLN B 97 2.14 -24.35 -24.81
N GLY B 98 2.42 -23.55 -25.85
CA GLY B 98 3.56 -23.82 -26.70
C GLY B 98 3.22 -24.58 -27.96
N LEU B 99 2.02 -25.11 -28.06
CA LEU B 99 1.59 -25.81 -29.27
C LEU B 99 1.06 -24.86 -30.35
N ASP B 100 1.26 -25.23 -31.61
CA ASP B 100 0.69 -24.49 -32.73
C ASP B 100 -0.81 -24.71 -32.86
N LYS B 101 -1.54 -23.62 -33.05
CA LYS B 101 -3.00 -23.65 -33.07
C LYS B 101 -3.52 -24.40 -34.31
N ALA B 102 -3.00 -24.01 -35.47
CA ALA B 102 -3.35 -24.68 -36.73
C ALA B 102 -3.15 -26.19 -36.65
N GLU B 103 -1.96 -26.60 -36.23
CA GLU B 103 -1.59 -27.98 -36.03
C GLU B 103 -2.47 -28.71 -35.03
N THR B 104 -2.87 -27.98 -33.99
CA THR B 104 -3.77 -28.50 -32.98
C THR B 104 -5.16 -28.74 -33.52
N LYS B 105 -5.73 -27.77 -34.24
CA LYS B 105 -7.03 -27.88 -34.89
C LYS B 105 -7.06 -29.12 -35.79
N ALA B 106 -5.96 -29.25 -36.53
CA ALA B 106 -5.87 -30.38 -37.45
C ALA B 106 -5.87 -31.71 -36.68
N ARG B 107 -4.95 -31.85 -35.72
CA ARG B 107 -4.79 -33.07 -34.95
C ARG B 107 -6.05 -33.48 -34.19
N TYR B 108 -6.75 -32.51 -33.61
CA TYR B 108 -7.89 -32.87 -32.78
C TYR B 108 -9.22 -32.48 -33.42
N GLY B 109 -9.17 -31.65 -34.46
CA GLY B 109 -10.38 -31.20 -35.13
C GLY B 109 -10.96 -29.90 -34.63
N GLU B 110 -11.93 -29.38 -35.37
CA GLU B 110 -12.54 -28.10 -35.09
C GLU B 110 -13.34 -28.12 -33.79
N GLU B 111 -14.06 -29.21 -33.56
CA GLU B 111 -14.91 -29.40 -32.39
C GLU B 111 -14.10 -29.40 -31.09
N GLN B 112 -13.04 -30.17 -31.05
CA GLN B 112 -12.23 -30.17 -29.82
C GLN B 112 -11.47 -28.86 -29.68
N PHE B 113 -10.98 -28.36 -30.81
CA PHE B 113 -10.30 -27.08 -30.90
C PHE B 113 -11.11 -25.93 -30.30
N MET B 114 -12.33 -25.80 -30.81
CA MET B 114 -13.24 -24.72 -30.45
C MET B 114 -13.65 -24.80 -28.98
N ALA B 115 -13.80 -26.04 -28.53
CA ALA B 115 -14.12 -26.28 -27.13
C ALA B 115 -12.97 -25.81 -26.25
N TRP B 116 -11.78 -26.30 -26.59
CA TRP B 116 -10.59 -25.94 -25.81
C TRP B 116 -10.45 -24.43 -25.72
N ARG B 117 -10.61 -23.81 -26.88
CA ARG B 117 -10.46 -22.37 -26.99
C ARG B 117 -11.62 -21.60 -26.39
N ARG B 118 -12.81 -22.20 -26.43
CA ARG B 118 -13.99 -21.41 -26.11
C ARG B 118 -14.94 -22.04 -25.11
N SER B 119 -14.63 -23.19 -24.52
CA SER B 119 -15.48 -23.70 -23.45
C SER B 119 -15.39 -22.81 -22.22
N TYR B 120 -16.52 -22.48 -21.62
CA TYR B 120 -16.55 -21.67 -20.42
C TYR B 120 -16.14 -22.46 -19.18
N ASP B 121 -16.60 -23.70 -19.09
CA ASP B 121 -16.47 -24.53 -17.91
C ASP B 121 -15.46 -25.66 -18.02
N THR B 122 -14.94 -25.93 -19.21
CA THR B 122 -14.09 -27.10 -19.41
C THR B 122 -12.68 -26.73 -19.81
N PRO B 123 -11.70 -26.90 -18.93
CA PRO B 123 -10.31 -26.48 -19.23
C PRO B 123 -9.59 -27.48 -20.13
N PRO B 124 -8.51 -27.08 -20.78
CA PRO B 124 -7.65 -28.04 -21.47
C PRO B 124 -6.98 -28.97 -20.47
N PRO B 125 -6.31 -30.00 -20.97
CA PRO B 125 -5.61 -30.92 -20.05
C PRO B 125 -4.56 -30.12 -19.30
N PRO B 126 -4.25 -30.63 -18.13
CA PRO B 126 -3.26 -29.97 -17.29
C PRO B 126 -1.88 -30.09 -17.90
N ILE B 127 -1.12 -29.00 -17.79
CA ILE B 127 0.27 -29.03 -18.24
C ILE B 127 1.08 -29.88 -17.28
N GLU B 128 2.17 -30.48 -17.69
CA GLU B 128 3.04 -31.30 -16.82
C GLU B 128 3.89 -30.41 -15.95
N ARG B 129 3.93 -30.58 -14.63
CA ARG B 129 4.79 -29.76 -13.80
C ARG B 129 6.24 -29.82 -14.25
N GLY B 130 6.91 -28.68 -14.18
CA GLY B 130 8.29 -28.51 -14.55
C GLY B 130 8.64 -28.79 -15.99
N SER B 131 7.63 -28.87 -16.87
CA SER B 131 7.82 -28.99 -18.30
C SER B 131 8.21 -27.63 -18.90
N GLN B 132 8.77 -27.66 -20.10
CA GLN B 132 9.37 -26.54 -20.79
C GLN B 132 8.53 -25.26 -20.75
N PHE B 133 7.23 -25.41 -20.85
CA PHE B 133 6.35 -24.24 -20.95
C PHE B 133 5.45 -24.12 -19.73
N SER B 134 5.85 -24.71 -18.61
CA SER B 134 5.08 -24.53 -17.37
C SER B 134 5.70 -23.42 -16.54
N GLN B 135 4.89 -22.74 -15.75
CA GLN B 135 5.31 -21.61 -14.92
C GLN B 135 5.36 -22.00 -13.46
N ASP B 136 5.20 -23.27 -13.16
CA ASP B 136 5.00 -23.66 -11.75
C ASP B 136 6.24 -23.47 -10.87
N ALA B 137 7.41 -23.36 -11.49
CA ALA B 137 8.63 -23.11 -10.76
C ALA B 137 9.00 -21.63 -10.77
N ASP B 138 8.18 -20.77 -11.38
CA ASP B 138 8.56 -19.35 -11.37
C ASP B 138 8.31 -18.69 -10.02
N PRO B 139 9.30 -18.02 -9.47
CA PRO B 139 9.11 -17.40 -8.16
C PRO B 139 7.99 -16.38 -8.10
N ARG B 140 7.56 -15.80 -9.21
CA ARG B 140 6.49 -14.81 -9.12
C ARG B 140 5.19 -15.45 -8.69
N TYR B 141 5.10 -16.77 -8.80
CA TYR B 141 3.89 -17.50 -8.42
C TYR B 141 4.07 -18.33 -7.15
N ALA B 142 5.13 -18.11 -6.38
CA ALA B 142 5.38 -18.98 -5.22
C ALA B 142 4.27 -18.80 -4.19
N ASP B 143 3.74 -17.57 -4.08
CA ASP B 143 2.73 -17.37 -3.05
C ASP B 143 1.42 -18.08 -3.38
N ILE B 144 1.23 -18.49 -4.63
CA ILE B 144 0.07 -19.32 -4.96
C ILE B 144 0.48 -20.75 -5.28
N GLY B 145 1.63 -21.16 -4.75
CA GLY B 145 2.07 -22.54 -4.91
C GLY B 145 2.40 -22.90 -6.34
N GLY B 146 2.80 -21.89 -7.10
CA GLY B 146 3.11 -22.10 -8.49
C GLY B 146 1.97 -21.94 -9.45
N GLY B 147 0.74 -21.69 -8.99
CA GLY B 147 -0.35 -21.45 -9.92
C GLY B 147 -1.03 -22.72 -10.41
N PRO B 148 -2.07 -22.53 -11.22
CA PRO B 148 -2.85 -23.65 -11.74
C PRO B 148 -2.10 -24.35 -12.87
N LEU B 149 -2.54 -25.56 -13.20
CA LEU B 149 -1.92 -26.30 -14.29
C LEU B 149 -2.70 -26.18 -15.59
N THR B 150 -3.89 -25.60 -15.47
CA THR B 150 -4.76 -25.31 -16.60
C THR B 150 -5.92 -24.42 -16.16
N GLU B 151 -6.58 -23.72 -17.06
CA GLU B 151 -7.72 -22.91 -16.65
C GLU B 151 -8.78 -22.87 -17.75
N CYS B 152 -10.04 -22.75 -17.37
CA CYS B 152 -11.10 -22.38 -18.30
C CYS B 152 -11.56 -20.96 -17.93
N LEU B 153 -12.35 -20.32 -18.78
CA LEU B 153 -12.78 -18.96 -18.49
C LEU B 153 -13.49 -18.87 -17.16
N ALA B 154 -14.25 -19.91 -16.79
CA ALA B 154 -14.89 -19.87 -15.49
C ALA B 154 -13.86 -19.78 -14.37
N ASP B 155 -12.72 -20.48 -14.52
CA ASP B 155 -11.69 -20.30 -13.51
C ASP B 155 -11.09 -18.90 -13.52
N VAL B 156 -10.89 -18.33 -14.70
CA VAL B 156 -10.35 -16.94 -14.74
C VAL B 156 -11.31 -16.02 -14.00
N VAL B 157 -12.60 -16.18 -14.25
CA VAL B 157 -13.60 -15.31 -13.64
C VAL B 157 -13.46 -15.34 -12.12
N ALA B 158 -13.28 -16.57 -11.63
CA ALA B 158 -13.27 -16.80 -10.20
C ALA B 158 -12.04 -16.22 -9.55
N ARG B 159 -10.91 -16.26 -10.27
CA ARG B 159 -9.68 -15.73 -9.65
C ARG B 159 -9.48 -14.27 -10.02
N PHE B 160 -10.12 -13.74 -11.05
CA PHE B 160 -9.94 -12.32 -11.37
C PHE B 160 -10.75 -11.41 -10.45
N LEU B 161 -12.01 -11.81 -10.29
CA LEU B 161 -12.98 -10.95 -9.61
C LEU B 161 -12.59 -10.48 -8.22
N PRO B 162 -11.96 -11.28 -7.35
CA PRO B 162 -11.55 -10.73 -6.06
C PRO B 162 -10.62 -9.52 -6.14
N TYR B 163 -9.72 -9.52 -7.12
CA TYR B 163 -8.84 -8.39 -7.31
C TYR B 163 -9.62 -7.13 -7.70
N PHE B 164 -10.54 -7.35 -8.64
CA PHE B 164 -11.32 -6.21 -9.11
C PHE B 164 -12.11 -5.60 -7.97
N THR B 165 -12.82 -6.42 -7.21
CA THR B 165 -13.72 -5.87 -6.18
C THR B 165 -12.92 -5.31 -5.01
N ASP B 166 -11.87 -6.02 -4.65
CA ASP B 166 -11.17 -5.65 -3.42
C ASP B 166 -10.18 -4.52 -3.62
N VAL B 167 -9.74 -4.31 -4.85
CA VAL B 167 -8.68 -3.34 -5.08
C VAL B 167 -9.07 -2.25 -6.04
N ILE B 168 -9.60 -2.60 -7.20
CA ILE B 168 -9.79 -1.59 -8.25
C ILE B 168 -11.05 -0.79 -8.04
N VAL B 169 -12.12 -1.47 -7.61
CA VAL B 169 -13.42 -0.80 -7.41
C VAL B 169 -13.28 0.38 -6.46
N GLY B 170 -12.46 0.20 -5.43
CA GLY B 170 -12.16 1.24 -4.45
C GLY B 170 -11.63 2.50 -5.09
N ASP B 171 -10.82 2.33 -6.14
CA ASP B 171 -10.25 3.48 -6.84
C ASP B 171 -11.28 4.22 -7.67
N LEU B 172 -12.08 3.46 -8.42
CA LEU B 172 -13.19 4.02 -9.17
C LEU B 172 -14.17 4.78 -8.25
N ARG B 173 -14.48 4.18 -7.09
CA ARG B 173 -15.45 4.75 -6.18
C ARG B 173 -15.06 6.16 -5.75
N VAL B 174 -13.76 6.45 -5.67
CA VAL B 174 -13.32 7.77 -5.21
C VAL B 174 -12.96 8.70 -6.36
N GLY B 175 -13.40 8.34 -7.56
CA GLY B 175 -13.31 9.14 -8.76
C GLY B 175 -12.09 8.99 -9.61
N LYS B 176 -11.20 8.04 -9.33
CA LYS B 176 -9.99 7.93 -10.14
C LYS B 176 -10.28 7.33 -11.51
N THR B 177 -9.56 7.85 -12.51
CA THR B 177 -9.59 7.15 -13.78
C THR B 177 -8.63 5.95 -13.74
N VAL B 178 -9.14 4.77 -14.02
CA VAL B 178 -8.36 3.55 -13.92
C VAL B 178 -8.06 2.98 -15.30
N LEU B 179 -6.78 2.72 -15.57
CA LEU B 179 -6.39 1.99 -16.76
C LEU B 179 -6.03 0.55 -16.40
N ILE B 180 -6.65 -0.42 -17.06
CA ILE B 180 -6.29 -1.82 -16.91
C ILE B 180 -5.75 -2.29 -18.26
N VAL B 181 -4.52 -2.79 -18.24
CA VAL B 181 -3.90 -3.36 -19.44
C VAL B 181 -3.70 -4.85 -19.16
N ALA B 182 -4.37 -5.72 -19.90
CA ALA B 182 -4.31 -7.15 -19.64
C ALA B 182 -4.60 -7.91 -20.92
N HIS B 183 -5.40 -8.97 -20.84
CA HIS B 183 -5.49 -10.01 -21.84
C HIS B 183 -6.92 -10.35 -22.24
N GLY B 184 -7.08 -10.97 -23.41
CA GLY B 184 -8.40 -11.38 -23.91
C GLY B 184 -9.29 -12.03 -22.88
N ASN B 185 -8.83 -13.12 -22.27
CA ASN B 185 -9.62 -13.81 -21.28
C ASN B 185 -9.84 -13.07 -19.97
N SER B 186 -8.83 -12.37 -19.44
CA SER B 186 -9.11 -11.67 -18.18
C SER B 186 -10.00 -10.46 -18.41
N LEU B 187 -9.91 -9.82 -19.59
CA LEU B 187 -10.84 -8.71 -19.80
C LEU B 187 -12.24 -9.22 -20.13
N ARG B 188 -12.35 -10.33 -20.83
CA ARG B 188 -13.65 -10.96 -21.08
C ARG B 188 -14.31 -11.30 -19.74
N ALA B 189 -13.52 -11.77 -18.78
CA ALA B 189 -14.04 -12.05 -17.45
C ALA B 189 -14.59 -10.80 -16.78
N LEU B 190 -13.91 -9.66 -16.94
CA LEU B 190 -14.35 -8.43 -16.31
C LEU B 190 -15.61 -7.89 -17.00
N VAL B 191 -15.63 -7.99 -18.33
CA VAL B 191 -16.83 -7.53 -19.03
C VAL B 191 -18.01 -8.42 -18.63
N LYS B 192 -17.81 -9.72 -18.49
CA LYS B 192 -18.88 -10.60 -18.05
C LYS B 192 -19.47 -10.15 -16.73
N HIS B 193 -18.63 -9.67 -15.82
CA HIS B 193 -19.08 -9.16 -14.53
C HIS B 193 -19.71 -7.79 -14.68
N LEU B 194 -19.05 -6.86 -15.39
CA LEU B 194 -19.64 -5.53 -15.45
C LEU B 194 -21.01 -5.54 -16.13
N ASP B 195 -21.18 -6.28 -17.23
CA ASP B 195 -22.43 -6.20 -17.96
C ASP B 195 -23.36 -7.35 -17.57
N GLN B 196 -22.94 -8.07 -16.53
CA GLN B 196 -23.71 -9.18 -16.00
C GLN B 196 -24.15 -10.15 -17.09
N MET B 197 -23.22 -10.54 -17.95
CA MET B 197 -23.44 -11.43 -19.06
C MET B 197 -23.53 -12.89 -18.62
N SER B 198 -24.28 -13.69 -19.39
CA SER B 198 -24.42 -15.11 -19.17
C SER B 198 -23.19 -15.89 -19.66
N ASP B 199 -23.09 -17.13 -19.20
CA ASP B 199 -22.01 -18.03 -19.60
C ASP B 199 -21.99 -18.23 -21.09
N ASP B 200 -23.14 -18.44 -21.74
CA ASP B 200 -22.96 -18.65 -23.19
C ASP B 200 -22.88 -17.31 -23.91
N GLU B 201 -23.44 -16.26 -23.33
CA GLU B 201 -23.29 -14.97 -24.02
C GLU B 201 -21.83 -14.57 -24.02
N ILE B 202 -21.14 -14.85 -22.90
CA ILE B 202 -19.76 -14.35 -22.88
C ILE B 202 -18.88 -15.13 -23.85
N VAL B 203 -19.27 -16.36 -24.21
CA VAL B 203 -18.34 -17.12 -25.05
C VAL B 203 -18.21 -16.56 -26.46
N GLY B 204 -19.20 -15.81 -26.93
CA GLY B 204 -19.09 -15.21 -28.25
C GLY B 204 -18.45 -13.84 -28.22
N LEU B 205 -18.04 -13.38 -27.04
CA LEU B 205 -17.54 -12.02 -26.97
C LEU B 205 -16.10 -11.93 -27.46
N ASN B 206 -15.89 -11.04 -28.44
CA ASN B 206 -14.50 -10.76 -28.83
C ASN B 206 -14.17 -9.34 -28.40
N ILE B 207 -12.99 -9.12 -27.85
CA ILE B 207 -12.47 -7.80 -27.52
C ILE B 207 -11.25 -7.56 -28.42
N PRO B 208 -11.27 -6.49 -29.18
CA PRO B 208 -10.16 -6.24 -30.10
C PRO B 208 -8.90 -5.74 -29.40
N THR B 209 -7.75 -6.06 -30.00
CA THR B 209 -6.49 -5.59 -29.45
C THR B 209 -6.28 -4.11 -29.74
N GLY B 210 -5.63 -3.46 -28.77
CA GLY B 210 -5.09 -2.14 -28.77
C GLY B 210 -6.04 -0.99 -28.90
N ILE B 211 -7.34 -1.30 -28.83
CA ILE B 211 -8.29 -0.19 -28.83
C ILE B 211 -8.88 -0.07 -27.42
N PRO B 212 -8.56 1.01 -26.74
CA PRO B 212 -9.12 1.20 -25.40
C PRO B 212 -10.64 1.17 -25.42
N LEU B 213 -11.17 0.51 -24.40
CA LEU B 213 -12.59 0.36 -24.14
C LEU B 213 -12.97 1.11 -22.87
N ARG B 214 -13.82 2.13 -22.95
CA ARG B 214 -14.20 2.98 -21.82
C ARG B 214 -15.52 2.54 -21.18
N TYR B 215 -15.49 2.41 -19.87
CA TYR B 215 -16.69 2.09 -19.11
C TYR B 215 -16.98 3.29 -18.22
N ASP B 216 -18.23 3.71 -18.26
CA ASP B 216 -18.75 4.77 -17.42
C ASP B 216 -19.68 4.11 -16.42
N LEU B 217 -19.33 4.16 -15.15
CA LEU B 217 -20.04 3.38 -14.13
C LEU B 217 -20.92 4.27 -13.27
N ASP B 218 -21.95 3.69 -12.66
CA ASP B 218 -22.72 4.47 -11.70
C ASP B 218 -22.27 4.16 -10.28
N SER B 219 -22.92 4.80 -9.33
CA SER B 219 -22.75 4.61 -7.89
C SER B 219 -22.67 3.13 -7.53
N ALA B 220 -23.43 2.31 -8.24
CA ALA B 220 -23.41 0.87 -7.97
C ALA B 220 -22.37 0.11 -8.77
N MET B 221 -21.47 0.79 -9.46
CA MET B 221 -20.51 0.12 -10.34
C MET B 221 -21.18 -0.52 -11.54
N ARG B 222 -22.40 -0.09 -11.83
CA ARG B 222 -23.15 -0.55 -12.98
C ARG B 222 -22.84 0.32 -14.20
N PRO B 223 -22.53 -0.27 -15.34
CA PRO B 223 -22.29 0.51 -16.56
C PRO B 223 -23.46 1.42 -16.92
N LEU B 224 -23.11 2.63 -17.31
CA LEU B 224 -24.14 3.50 -17.88
C LEU B 224 -24.44 3.06 -19.31
N VAL B 225 -23.41 2.66 -20.04
CA VAL B 225 -23.54 2.09 -21.37
C VAL B 225 -23.10 0.63 -21.39
N ARG B 226 -24.04 -0.27 -21.60
CA ARG B 226 -23.76 -1.70 -21.67
C ARG B 226 -22.71 -1.99 -22.74
N GLY B 227 -21.70 -2.76 -22.37
CA GLY B 227 -20.65 -3.12 -23.32
C GLY B 227 -19.58 -2.05 -23.45
N GLY B 228 -19.77 -0.92 -22.78
CA GLY B 228 -18.81 0.17 -22.81
C GLY B 228 -18.69 0.81 -24.18
N THR B 229 -17.70 1.67 -24.36
CA THR B 229 -17.50 2.40 -25.60
C THR B 229 -16.05 2.33 -26.05
N TYR B 230 -15.78 1.75 -27.20
CA TYR B 230 -14.44 1.80 -27.78
C TYR B 230 -14.06 3.19 -28.27
N LEU B 231 -12.84 3.61 -27.99
CA LEU B 231 -12.41 4.94 -28.46
C LEU B 231 -12.21 5.06 -29.97
N ASP B 232 -12.09 3.97 -30.72
CA ASP B 232 -12.03 3.95 -32.18
C ASP B 232 -12.90 2.81 -32.71
N PRO B 233 -14.19 3.13 -32.78
CA PRO B 233 -15.21 2.15 -33.08
C PRO B 233 -15.02 1.47 -34.44
N GLU B 234 -14.52 2.23 -35.41
CA GLU B 234 -14.35 1.57 -36.71
C GLU B 234 -13.15 0.65 -36.62
N ALA B 235 -12.11 1.12 -35.92
CA ALA B 235 -10.95 0.24 -35.75
C ALA B 235 -11.36 -0.94 -34.89
N ALA B 236 -12.21 -0.64 -33.90
CA ALA B 236 -12.70 -1.73 -33.05
C ALA B 236 -13.41 -2.75 -33.94
N ALA B 237 -14.22 -2.21 -34.84
CA ALA B 237 -15.13 -2.86 -35.74
C ALA B 237 -14.51 -3.85 -36.70
N ALA B 238 -13.20 -4.10 -36.61
CA ALA B 238 -12.60 -5.02 -37.58
C ALA B 238 -13.21 -6.41 -37.46
N GLY B 239 -13.74 -6.72 -36.29
CA GLY B 239 -14.26 -8.05 -36.01
C GLY B 239 -13.12 -9.01 -35.73
N ALA C 2 -19.02 18.87 -3.55
CA ALA C 2 -18.49 18.09 -2.43
C ALA C 2 -17.34 17.21 -2.87
N ASN C 3 -16.16 17.78 -3.13
CA ASN C 3 -15.09 16.91 -3.65
C ASN C 3 -13.94 16.81 -2.67
N THR C 4 -13.41 17.92 -2.15
CA THR C 4 -12.31 17.72 -1.19
C THR C 4 -12.81 17.24 0.16
N GLY C 5 -12.24 16.17 0.70
CA GLY C 5 -12.76 15.56 1.90
C GLY C 5 -12.56 16.36 3.16
N SER C 6 -13.32 15.98 4.18
CA SER C 6 -13.19 16.60 5.49
C SER C 6 -12.06 16.02 6.34
N LEU C 7 -11.42 16.89 7.08
CA LEU C 7 -10.38 16.53 8.05
C LEU C 7 -10.94 16.64 9.45
N VAL C 8 -10.83 15.57 10.22
CA VAL C 8 -11.24 15.58 11.64
C VAL C 8 -10.05 15.28 12.54
N LEU C 9 -9.71 16.22 13.41
CA LEU C 9 -8.58 16.03 14.30
C LEU C 9 -9.07 15.74 15.72
N LEU C 10 -8.40 14.85 16.43
CA LEU C 10 -8.76 14.51 17.80
C LEU C 10 -7.51 14.29 18.64
N ARG C 11 -7.43 15.04 19.73
CA ARG C 11 -6.37 14.95 20.72
C ARG C 11 -6.81 14.05 21.86
N HIS C 12 -6.04 13.02 22.18
CA HIS C 12 -6.43 12.15 23.27
C HIS C 12 -6.57 12.89 24.60
N GLY C 13 -7.33 12.29 25.50
CA GLY C 13 -7.51 12.76 26.86
C GLY C 13 -6.46 12.29 27.82
N GLU C 14 -6.80 12.36 29.09
CA GLU C 14 -5.88 12.14 30.18
C GLU C 14 -5.16 10.80 30.15
N SER C 15 -3.84 10.88 30.25
CA SER C 15 -3.02 9.69 30.38
C SER C 15 -2.65 9.46 31.85
N ASP C 16 -2.15 8.28 32.16
CA ASP C 16 -1.70 7.91 33.49
C ASP C 16 -0.54 8.78 33.97
N TRP C 17 0.29 9.24 33.03
CA TRP C 17 1.35 10.16 33.46
C TRP C 17 0.83 11.58 33.57
N ASN C 18 -0.26 11.87 32.86
CA ASN C 18 -0.84 13.20 33.01
C ASN C 18 -1.28 13.32 34.48
N ALA C 19 -1.80 12.20 34.98
CA ALA C 19 -2.28 12.12 36.36
C ALA C 19 -1.14 12.29 37.36
N LEU C 20 0.06 11.79 37.06
CA LEU C 20 1.21 11.92 37.93
C LEU C 20 2.00 13.19 37.70
N ASN C 21 1.50 14.01 36.78
CA ASN C 21 2.13 15.22 36.30
C ASN C 21 3.57 14.99 35.88
N LEU C 22 3.78 13.94 35.08
CA LEU C 22 5.06 13.60 34.52
C LEU C 22 5.17 14.01 33.05
N PHE C 23 6.34 14.49 32.65
CA PHE C 23 6.62 14.78 31.23
C PHE C 23 6.68 13.46 30.48
N THR C 24 5.89 13.29 29.41
CA THR C 24 5.79 11.97 28.80
C THR C 24 6.51 11.85 27.46
N GLY C 25 6.16 12.71 26.50
CA GLY C 25 6.83 12.59 25.21
C GLY C 25 6.56 11.26 24.53
N TRP C 26 7.61 10.53 24.16
CA TRP C 26 7.41 9.27 23.45
C TRP C 26 7.22 8.10 24.39
N VAL C 27 7.27 8.36 25.69
CA VAL C 27 7.01 7.28 26.63
C VAL C 27 5.58 6.80 26.40
N ASP C 28 5.40 5.51 26.23
CA ASP C 28 4.15 4.92 25.76
C ASP C 28 3.16 4.51 26.84
N VAL C 29 2.70 5.48 27.60
CA VAL C 29 1.76 5.30 28.68
C VAL C 29 0.32 5.23 28.17
N GLY C 30 -0.53 4.62 29.00
CA GLY C 30 -1.93 4.52 28.61
C GLY C 30 -2.84 5.56 29.21
N LEU C 31 -4.10 5.36 28.92
CA LEU C 31 -5.24 6.26 29.16
C LEU C 31 -5.78 6.03 30.57
N THR C 32 -6.21 7.10 31.24
CA THR C 32 -6.91 6.91 32.50
C THR C 32 -8.37 6.59 32.17
N ASP C 33 -9.12 6.26 33.22
CA ASP C 33 -10.55 5.99 33.03
C ASP C 33 -11.23 7.24 32.48
N LYS C 34 -10.79 8.36 33.03
CA LYS C 34 -11.28 9.65 32.56
C LYS C 34 -10.95 9.83 31.07
N GLY C 35 -9.72 9.44 30.73
CA GLY C 35 -9.21 9.56 29.36
C GLY C 35 -10.00 8.72 28.38
N GLN C 36 -10.35 7.50 28.77
CA GLN C 36 -11.11 6.61 27.90
C GLN C 36 -12.53 7.12 27.60
N ALA C 37 -13.18 7.62 28.65
CA ALA C 37 -14.50 8.19 28.55
C ALA C 37 -14.50 9.38 27.61
N GLU C 38 -13.39 10.11 27.61
CA GLU C 38 -13.29 11.25 26.70
C GLU C 38 -13.32 10.71 25.28
N ALA C 39 -12.58 9.62 25.13
CA ALA C 39 -12.46 8.98 23.82
C ALA C 39 -13.84 8.54 23.35
N VAL C 40 -14.55 7.82 24.22
CA VAL C 40 -15.85 7.29 23.80
C VAL C 40 -16.80 8.41 23.41
N ARG C 41 -16.83 9.47 24.21
CA ARG C 41 -17.69 10.61 23.90
C ARG C 41 -17.30 11.28 22.59
N SER C 42 -16.00 11.40 22.31
CA SER C 42 -15.58 11.98 21.02
C SER C 42 -16.19 11.27 19.83
N GLY C 43 -16.21 9.93 19.88
CA GLY C 43 -16.82 9.11 18.83
C GLY C 43 -18.30 9.40 18.69
N GLU C 44 -19.02 9.58 19.80
CA GLU C 44 -20.44 9.90 19.70
C GLU C 44 -20.65 11.24 19.01
N LEU C 45 -19.81 12.21 19.39
CA LEU C 45 -19.86 13.53 18.77
C LEU C 45 -19.66 13.44 17.27
N ILE C 46 -18.70 12.59 16.87
CA ILE C 46 -18.40 12.48 15.44
C ILE C 46 -19.65 12.01 14.72
N ALA C 47 -20.30 11.01 15.31
CA ALA C 47 -21.44 10.39 14.65
C ALA C 47 -22.64 11.34 14.63
N GLU C 48 -22.78 12.07 15.72
CA GLU C 48 -23.89 13.02 15.85
C GLU C 48 -23.81 14.12 14.81
N HIS C 49 -22.60 14.38 14.30
CA HIS C 49 -22.39 15.40 13.28
C HIS C 49 -22.22 14.82 11.89
N ASP C 50 -22.60 13.55 11.72
CA ASP C 50 -22.60 12.99 10.35
C ASP C 50 -21.21 13.06 9.74
N LEU C 51 -20.21 12.63 10.50
CA LEU C 51 -18.83 12.74 10.04
C LEU C 51 -18.11 11.40 9.92
N LEU C 52 -18.75 10.37 9.40
CA LEU C 52 -18.19 9.03 9.36
C LEU C 52 -16.81 9.00 8.70
N PRO C 53 -15.76 8.66 9.44
CA PRO C 53 -14.44 8.57 8.82
C PRO C 53 -14.35 7.41 7.83
N ASP C 54 -13.55 7.58 6.79
CA ASP C 54 -13.22 6.58 5.78
C ASP C 54 -11.88 5.92 6.05
N VAL C 55 -10.99 6.68 6.69
CA VAL C 55 -9.66 6.20 7.06
C VAL C 55 -9.21 6.85 8.36
N LEU C 56 -8.40 6.16 9.14
CA LEU C 56 -7.84 6.60 10.40
C LEU C 56 -6.32 6.68 10.33
N TYR C 57 -5.79 7.77 10.86
CA TYR C 57 -4.37 7.98 11.04
C TYR C 57 -4.05 8.20 12.51
N THR C 58 -3.09 7.47 13.06
CA THR C 58 -2.69 7.68 14.45
C THR C 58 -1.16 7.76 14.56
N SER C 59 -0.68 8.04 15.78
CA SER C 59 0.74 7.96 16.09
C SER C 59 1.09 6.53 16.45
N LEU C 60 2.29 6.26 16.96
CA LEU C 60 2.60 4.91 17.43
C LEU C 60 2.36 4.77 18.92
N LEU C 61 1.75 5.77 19.55
CA LEU C 61 1.59 5.80 21.00
C LEU C 61 0.21 5.31 21.41
N ARG C 62 0.13 4.36 22.33
CA ARG C 62 -1.11 3.72 22.71
C ARG C 62 -2.14 4.70 23.20
N ARG C 63 -1.78 5.84 23.79
CA ARG C 63 -2.85 6.69 24.32
C ARG C 63 -3.71 7.23 23.18
N ALA C 64 -3.07 7.40 22.02
CA ALA C 64 -3.70 7.85 20.79
C ALA C 64 -4.44 6.70 20.12
N ILE C 65 -3.73 5.57 20.00
CA ILE C 65 -4.35 4.42 19.32
C ILE C 65 -5.59 3.95 20.04
N THR C 66 -5.52 3.86 21.36
CA THR C 66 -6.69 3.45 22.14
C THR C 66 -7.80 4.48 22.08
N THR C 67 -7.42 5.76 22.08
CA THR C 67 -8.42 6.80 21.91
C THR C 67 -9.17 6.57 20.61
N ALA C 68 -8.40 6.34 19.54
CA ALA C 68 -8.97 6.10 18.21
C ALA C 68 -9.90 4.90 18.19
N HIS C 69 -9.46 3.80 18.82
CA HIS C 69 -10.29 2.62 18.87
C HIS C 69 -11.64 2.86 19.54
N LEU C 70 -11.62 3.53 20.69
CA LEU C 70 -12.85 3.78 21.44
C LEU C 70 -13.77 4.75 20.71
N ALA C 71 -13.15 5.75 20.09
CA ALA C 71 -13.91 6.72 19.31
C ALA C 71 -14.58 6.01 18.13
N LEU C 72 -13.82 5.25 17.35
CA LEU C 72 -14.42 4.57 16.20
C LEU C 72 -15.47 3.55 16.61
N ASP C 73 -15.26 2.94 17.77
CA ASP C 73 -16.24 2.00 18.33
C ASP C 73 -17.58 2.68 18.54
N SER C 74 -17.52 3.83 19.20
CA SER C 74 -18.74 4.62 19.42
C SER C 74 -19.36 5.12 18.13
N ALA C 75 -18.56 5.47 17.13
CA ALA C 75 -19.09 5.95 15.86
C ALA C 75 -19.48 4.81 14.92
N ASP C 76 -19.27 3.60 15.39
CA ASP C 76 -19.48 2.36 14.65
C ASP C 76 -18.75 2.38 13.31
N ARG C 77 -17.47 2.70 13.34
CA ARG C 77 -16.60 2.70 12.17
C ARG C 77 -15.27 2.02 12.48
N LEU C 78 -15.31 1.03 13.35
CA LEU C 78 -14.16 0.25 13.76
C LEU C 78 -13.48 -0.43 12.58
N TRP C 79 -14.24 -0.61 11.49
CA TRP C 79 -13.76 -1.49 10.41
C TRP C 79 -12.90 -0.77 9.41
N ILE C 80 -12.77 0.54 9.57
CA ILE C 80 -12.14 1.30 8.50
C ILE C 80 -10.64 1.12 8.51
N PRO C 81 -10.00 1.36 7.38
CA PRO C 81 -8.55 1.22 7.32
C PRO C 81 -7.84 2.23 8.22
N VAL C 82 -6.68 1.78 8.69
CA VAL C 82 -5.86 2.59 9.58
C VAL C 82 -4.39 2.50 9.20
N ARG C 83 -3.75 3.65 9.41
CA ARG C 83 -2.32 3.79 9.14
C ARG C 83 -1.69 4.52 10.31
N ARG C 84 -0.52 4.10 10.73
CA ARG C 84 0.14 4.68 11.90
C ARG C 84 1.56 5.10 11.50
N SER C 85 2.02 6.19 12.12
CA SER C 85 3.33 6.74 11.82
C SER C 85 3.88 7.48 13.04
N TRP C 86 5.18 7.28 13.24
CA TRP C 86 5.92 8.05 14.23
C TRP C 86 5.77 9.55 13.96
N ARG C 87 5.52 9.96 12.73
CA ARG C 87 5.46 11.38 12.40
C ARG C 87 4.25 12.06 13.04
N LEU C 88 3.30 11.26 13.56
CA LEU C 88 2.19 11.84 14.31
C LEU C 88 2.45 11.80 15.80
N ASN C 89 3.60 11.31 16.25
CA ASN C 89 3.88 11.20 17.67
C ASN C 89 3.88 12.57 18.34
N GLU C 90 3.63 12.57 19.64
CA GLU C 90 3.86 13.74 20.49
C GLU C 90 5.30 14.21 20.36
N ARG C 91 5.57 15.46 20.69
CA ARG C 91 6.96 15.89 20.76
C ARG C 91 7.80 15.00 21.67
N HIS C 92 9.01 14.66 21.24
CA HIS C 92 9.91 13.98 22.18
C HIS C 92 10.38 15.00 23.23
N TYR C 93 10.28 14.68 24.52
CA TYR C 93 10.66 15.64 25.55
C TYR C 93 12.06 15.45 26.11
N GLY C 94 12.91 14.74 25.38
CA GLY C 94 14.29 14.50 25.78
C GLY C 94 14.43 14.07 27.23
N ALA C 95 15.40 14.69 27.91
CA ALA C 95 15.77 14.36 29.27
C ALA C 95 14.64 14.57 30.28
N LEU C 96 13.62 15.31 29.91
CA LEU C 96 12.49 15.57 30.78
C LEU C 96 11.56 14.37 30.86
N GLN C 97 11.71 13.42 29.95
CA GLN C 97 10.80 12.28 29.93
C GLN C 97 10.93 11.47 31.21
N GLY C 98 9.81 11.36 31.92
CA GLY C 98 9.81 10.67 33.19
C GLY C 98 10.05 11.58 34.39
N LEU C 99 10.21 12.88 34.19
CA LEU C 99 10.39 13.86 35.24
C LEU C 99 9.13 14.68 35.51
N ASP C 100 9.03 15.07 36.78
CA ASP C 100 8.01 16.05 37.16
C ASP C 100 8.64 17.45 37.13
N LYS C 101 7.86 18.48 37.39
CA LYS C 101 8.29 19.87 37.29
C LYS C 101 9.37 20.14 38.32
N ALA C 102 9.11 19.63 39.52
CA ALA C 102 10.10 19.84 40.58
C ALA C 102 11.41 19.18 40.17
N GLU C 103 11.43 17.89 39.84
CA GLU C 103 12.74 17.30 39.55
C GLU C 103 13.31 17.90 38.26
N THR C 104 12.44 18.48 37.44
CA THR C 104 13.05 19.10 36.26
C THR C 104 13.72 20.41 36.68
N LYS C 105 13.00 21.26 37.42
CA LYS C 105 13.60 22.54 37.79
C LYS C 105 14.85 22.38 38.65
N ALA C 106 14.94 21.26 39.34
CA ALA C 106 16.06 20.92 40.21
C ALA C 106 17.32 20.66 39.42
N ARG C 107 17.27 19.79 38.41
CA ARG C 107 18.55 19.52 37.75
C ARG C 107 18.79 20.43 36.56
N TYR C 108 17.82 21.23 36.14
CA TYR C 108 18.03 22.06 34.94
C TYR C 108 17.81 23.54 35.16
N GLY C 109 17.14 23.94 36.24
CA GLY C 109 16.91 25.34 36.54
C GLY C 109 15.64 25.88 35.93
N GLU C 110 15.15 26.96 36.53
CA GLU C 110 13.97 27.70 36.18
C GLU C 110 14.09 28.49 34.87
N GLU C 111 15.28 29.01 34.60
CA GLU C 111 15.53 29.84 33.42
C GLU C 111 15.15 29.16 32.11
N GLN C 112 15.54 27.89 31.96
CA GLN C 112 15.21 27.23 30.68
C GLN C 112 13.97 26.36 30.81
N PHE C 113 13.52 26.09 32.05
CA PHE C 113 12.26 25.38 32.21
C PHE C 113 11.17 26.12 31.46
N MET C 114 11.24 27.45 31.58
CA MET C 114 10.26 28.28 30.89
C MET C 114 10.55 28.27 29.40
N ALA C 115 11.85 28.38 29.09
CA ALA C 115 12.30 28.31 27.72
C ALA C 115 11.73 27.07 27.04
N TRP C 116 12.06 25.91 27.59
CA TRP C 116 11.58 24.64 27.02
C TRP C 116 10.06 24.53 27.08
N ARG C 117 9.41 25.37 27.89
CA ARG C 117 7.96 25.40 27.98
C ARG C 117 7.33 25.93 26.69
N ARG C 118 7.66 27.16 26.30
CA ARG C 118 6.99 27.74 25.15
C ARG C 118 7.93 28.32 24.11
N SER C 119 9.16 27.82 23.99
CA SER C 119 10.04 28.28 22.92
C SER C 119 9.84 27.37 21.72
N TYR C 120 9.53 27.93 20.57
CA TYR C 120 9.28 27.17 19.36
C TYR C 120 10.47 26.31 18.96
N ASP C 121 11.63 26.86 19.28
CA ASP C 121 12.92 26.57 18.71
C ASP C 121 13.94 26.01 19.69
N THR C 122 13.61 25.92 20.98
CA THR C 122 14.68 25.37 21.85
C THR C 122 14.25 24.08 22.52
N PRO C 123 14.83 22.98 22.07
CA PRO C 123 14.48 21.67 22.60
C PRO C 123 15.09 21.47 23.99
N PRO C 124 14.47 20.61 24.80
CA PRO C 124 15.05 20.25 26.11
C PRO C 124 16.33 19.45 25.86
N PRO C 125 17.10 19.15 26.89
CA PRO C 125 18.32 18.36 26.67
C PRO C 125 18.02 17.00 26.05
N PRO C 126 19.01 16.42 25.37
CA PRO C 126 18.83 15.08 24.78
C PRO C 126 18.77 14.02 25.88
N ILE C 127 17.90 13.02 25.75
CA ILE C 127 17.84 11.96 26.76
C ILE C 127 18.99 10.97 26.61
N GLU C 128 19.34 10.31 27.73
CA GLU C 128 20.43 9.34 27.64
C GLU C 128 19.97 8.09 26.88
N ARG C 129 20.65 7.85 25.77
CA ARG C 129 20.44 6.63 25.00
C ARG C 129 20.49 5.43 25.92
N GLY C 130 19.69 4.42 25.63
CA GLY C 130 19.65 3.24 26.47
C GLY C 130 19.11 3.50 27.86
N SER C 131 18.73 4.70 28.24
CA SER C 131 18.27 4.93 29.62
C SER C 131 16.81 4.50 29.78
N GLN C 132 16.30 4.56 31.00
CA GLN C 132 15.00 4.00 31.34
C GLN C 132 13.84 4.58 30.54
N PHE C 133 13.81 5.89 30.30
CA PHE C 133 12.68 6.39 29.53
C PHE C 133 13.05 6.76 28.10
N SER C 134 14.08 6.14 27.55
CA SER C 134 14.46 6.31 26.16
C SER C 134 13.90 5.22 25.24
N GLN C 135 13.47 5.62 24.04
CA GLN C 135 12.88 4.76 23.05
C GLN C 135 13.85 4.37 21.93
N ASP C 136 15.09 4.84 22.05
CA ASP C 136 16.07 4.68 20.98
C ASP C 136 16.25 3.23 20.57
N ALA C 137 16.03 2.30 21.49
CA ALA C 137 16.20 0.87 21.21
C ALA C 137 14.90 0.15 20.89
N ASP C 138 13.78 0.87 20.92
CA ASP C 138 12.50 0.24 20.60
C ASP C 138 12.43 -0.09 19.12
N PRO C 139 12.10 -1.34 18.82
CA PRO C 139 12.08 -1.78 17.43
C PRO C 139 11.12 -0.98 16.54
N ARG C 140 10.13 -0.29 17.09
CA ARG C 140 9.21 0.44 16.21
C ARG C 140 9.91 1.65 15.61
N TYR C 141 11.03 2.10 16.18
CA TYR C 141 11.77 3.22 15.60
C TYR C 141 13.07 2.79 14.91
N ALA C 142 13.23 1.49 14.63
CA ALA C 142 14.43 1.02 13.97
C ALA C 142 14.72 1.72 12.64
N ASP C 143 13.67 1.97 11.86
CA ASP C 143 13.94 2.47 10.49
C ASP C 143 14.44 3.89 10.50
N ILE C 144 14.29 4.56 11.65
CA ILE C 144 14.78 5.93 11.75
C ILE C 144 15.91 5.99 12.76
N GLY C 145 16.60 4.87 12.93
CA GLY C 145 17.80 4.88 13.76
C GLY C 145 17.54 5.13 15.22
N GLY C 146 16.39 4.67 15.72
CA GLY C 146 16.05 4.89 17.11
C GLY C 146 15.28 6.16 17.38
N GLY C 147 15.32 7.11 16.44
CA GLY C 147 14.61 8.35 16.58
C GLY C 147 15.47 9.44 17.19
N PRO C 148 14.90 10.62 17.33
CA PRO C 148 15.60 11.75 17.93
C PRO C 148 15.66 11.55 19.45
N LEU C 149 16.66 12.17 20.09
CA LEU C 149 16.82 12.05 21.53
C LEU C 149 16.17 13.23 22.25
N THR C 150 15.59 14.14 21.49
CA THR C 150 14.82 15.26 21.96
C THR C 150 14.21 16.06 20.82
N GLU C 151 13.11 16.77 21.10
CA GLU C 151 12.51 17.63 20.10
C GLU C 151 11.97 18.94 20.65
N CYS C 152 12.05 19.95 19.79
CA CYS C 152 11.30 21.19 19.96
C CYS C 152 10.14 21.21 18.98
N LEU C 153 9.23 22.17 19.09
CA LEU C 153 8.04 22.13 18.24
C LEU C 153 8.42 22.33 16.77
N ALA C 154 9.42 23.13 16.49
CA ALA C 154 9.94 23.28 15.14
C ALA C 154 10.32 21.93 14.52
N ASP C 155 10.93 21.08 15.34
CA ASP C 155 11.35 19.75 14.93
C ASP C 155 10.11 18.95 14.54
N VAL C 156 9.09 19.09 15.39
CA VAL C 156 7.89 18.29 15.14
C VAL C 156 7.22 18.73 13.85
N VAL C 157 7.17 20.04 13.63
CA VAL C 157 6.59 20.55 12.39
C VAL C 157 7.36 19.93 11.21
N ALA C 158 8.68 19.90 11.37
CA ALA C 158 9.55 19.44 10.30
C ALA C 158 9.33 17.97 9.99
N ARG C 159 9.16 17.09 10.96
CA ARG C 159 8.99 15.68 10.57
C ARG C 159 7.52 15.32 10.36
N PHE C 160 6.58 16.18 10.76
CA PHE C 160 5.17 15.88 10.49
C PHE C 160 4.78 16.09 9.03
N LEU C 161 5.12 17.26 8.50
CA LEU C 161 4.57 17.72 7.23
C LEU C 161 4.79 16.75 6.08
N PRO C 162 5.96 16.15 5.88
CA PRO C 162 6.13 15.13 4.83
C PRO C 162 5.01 14.10 4.83
N TYR C 163 4.56 13.68 6.00
CA TYR C 163 3.51 12.67 6.13
C TYR C 163 2.15 13.22 5.73
N PHE C 164 1.92 14.47 6.15
CA PHE C 164 0.72 15.13 5.69
C PHE C 164 0.69 15.25 4.17
N THR C 165 1.70 15.87 3.56
CA THR C 165 1.60 16.11 2.13
C THR C 165 1.62 14.84 1.29
N ASP C 166 2.43 13.86 1.68
CA ASP C 166 2.60 12.74 0.75
C ASP C 166 1.62 11.62 1.01
N VAL C 167 0.95 11.62 2.16
CA VAL C 167 0.04 10.51 2.48
C VAL C 167 -1.39 11.00 2.69
N ILE C 168 -1.55 11.96 3.59
CA ILE C 168 -2.91 12.29 4.05
C ILE C 168 -3.66 13.15 3.07
N VAL C 169 -2.96 14.10 2.46
CA VAL C 169 -3.55 15.00 1.49
C VAL C 169 -4.13 14.24 0.30
N GLY C 170 -3.47 13.16 -0.11
CA GLY C 170 -3.93 12.36 -1.23
C GLY C 170 -5.29 11.76 -0.93
N ASP C 171 -5.52 11.33 0.31
CA ASP C 171 -6.84 10.85 0.70
C ASP C 171 -7.88 11.97 0.68
N LEU C 172 -7.45 13.14 1.16
CA LEU C 172 -8.36 14.27 1.22
C LEU C 172 -8.82 14.65 -0.18
N ARG C 173 -7.83 14.59 -1.07
CA ARG C 173 -7.98 14.97 -2.45
C ARG C 173 -9.06 14.15 -3.14
N VAL C 174 -9.19 12.89 -2.78
CA VAL C 174 -10.18 12.07 -3.45
C VAL C 174 -11.45 11.98 -2.62
N GLY C 175 -11.60 12.90 -1.67
CA GLY C 175 -12.90 13.08 -1.06
C GLY C 175 -13.11 12.32 0.22
N LYS C 176 -12.09 11.61 0.69
CA LYS C 176 -12.31 10.85 1.91
C LYS C 176 -12.40 11.72 3.15
N THR C 177 -13.25 11.35 4.08
CA THR C 177 -13.23 11.95 5.41
C THR C 177 -12.12 11.28 6.22
N VAL C 178 -11.16 12.07 6.64
CA VAL C 178 -9.99 11.56 7.33
C VAL C 178 -10.03 11.88 8.82
N LEU C 179 -9.83 10.85 9.64
CA LEU C 179 -9.72 11.07 11.08
C LEU C 179 -8.26 10.89 11.51
N ILE C 180 -7.73 11.94 12.11
CA ILE C 180 -6.41 11.93 12.71
C ILE C 180 -6.55 12.03 14.23
N VAL C 181 -6.06 10.98 14.87
CA VAL C 181 -6.06 10.94 16.33
C VAL C 181 -4.61 11.00 16.82
N ALA C 182 -4.31 12.07 17.56
CA ALA C 182 -2.91 12.24 17.93
C ALA C 182 -2.75 13.03 19.22
N HIS C 183 -1.80 13.95 19.26
CA HIS C 183 -1.29 14.56 20.45
C HIS C 183 -1.18 16.07 20.27
N GLY C 184 -1.10 16.76 21.40
CA GLY C 184 -1.02 18.20 21.38
C GLY C 184 -0.04 18.79 20.38
N ASN C 185 1.22 18.42 20.37
CA ASN C 185 2.22 19.11 19.54
C ASN C 185 2.17 18.68 18.08
N SER C 186 1.76 17.44 17.82
CA SER C 186 1.65 17.01 16.42
C SER C 186 0.40 17.61 15.82
N LEU C 187 -0.71 17.69 16.55
CA LEU C 187 -1.82 18.40 15.91
C LEU C 187 -1.52 19.88 15.76
N ARG C 188 -0.71 20.45 16.65
CA ARG C 188 -0.33 21.86 16.55
C ARG C 188 0.44 22.13 15.27
N ALA C 189 1.29 21.17 14.95
CA ALA C 189 2.10 21.23 13.74
C ALA C 189 1.19 21.30 12.53
N LEU C 190 0.14 20.47 12.62
CA LEU C 190 -0.77 20.40 11.49
C LEU C 190 -1.58 21.68 11.35
N VAL C 191 -2.07 22.24 12.46
CA VAL C 191 -2.87 23.46 12.38
C VAL C 191 -2.01 24.66 12.01
N LYS C 192 -0.75 24.67 12.44
CA LYS C 192 0.14 25.77 12.06
C LYS C 192 0.23 25.83 10.54
N HIS C 193 0.30 24.64 9.92
CA HIS C 193 0.37 24.51 8.46
C HIS C 193 -0.91 24.96 7.79
N LEU C 194 -2.03 24.38 8.18
CA LEU C 194 -3.32 24.71 7.59
C LEU C 194 -3.72 26.17 7.69
N ASP C 195 -3.53 26.79 8.86
CA ASP C 195 -3.97 28.17 9.04
C ASP C 195 -2.81 29.17 8.95
N GLN C 196 -1.68 28.66 8.50
CA GLN C 196 -0.48 29.47 8.25
C GLN C 196 -0.14 30.35 9.45
N MET C 197 -0.08 29.70 10.60
CA MET C 197 0.30 30.35 11.85
C MET C 197 1.80 30.60 11.95
N SER C 198 2.11 31.79 12.47
CA SER C 198 3.48 32.13 12.78
C SER C 198 4.04 31.21 13.86
N ASP C 199 5.35 31.08 13.90
CA ASP C 199 6.12 30.37 14.90
C ASP C 199 5.70 30.81 16.31
N ASP C 200 5.45 32.11 16.44
CA ASP C 200 5.09 32.69 17.74
C ASP C 200 3.60 32.55 18.02
N GLU C 201 2.80 32.46 16.97
CA GLU C 201 1.35 32.27 17.14
C GLU C 201 1.06 30.89 17.72
N ILE C 202 1.77 29.91 17.17
CA ILE C 202 1.38 28.54 17.44
C ILE C 202 1.75 28.06 18.84
N VAL C 203 2.64 28.79 19.48
CA VAL C 203 3.08 28.51 20.83
C VAL C 203 1.97 28.69 21.86
N GLY C 204 1.03 29.58 21.56
CA GLY C 204 -0.04 29.82 22.52
C GLY C 204 -1.34 29.22 22.02
N LEU C 205 -1.22 28.36 21.00
CA LEU C 205 -2.44 27.70 20.54
C LEU C 205 -2.76 26.48 21.42
N ASN C 206 -3.96 26.51 21.97
CA ASN C 206 -4.54 25.45 22.76
C ASN C 206 -5.48 24.59 21.93
N ILE C 207 -5.24 23.29 22.01
CA ILE C 207 -6.18 22.33 21.43
C ILE C 207 -6.74 21.47 22.55
N PRO C 208 -8.04 21.53 22.76
CA PRO C 208 -8.66 20.86 23.90
C PRO C 208 -8.67 19.35 23.69
N THR C 209 -8.59 18.60 24.79
CA THR C 209 -8.55 17.15 24.68
C THR C 209 -9.96 16.62 24.45
N GLY C 210 -10.13 15.59 23.64
CA GLY C 210 -11.39 14.92 23.47
C GLY C 210 -12.51 15.64 22.78
N ILE C 211 -12.23 16.69 22.03
CA ILE C 211 -13.28 17.35 21.24
C ILE C 211 -12.86 17.32 19.77
N PRO C 212 -13.58 16.61 18.92
CA PRO C 212 -13.16 16.55 17.51
C PRO C 212 -13.20 17.94 16.88
N LEU C 213 -12.17 18.22 16.11
CA LEU C 213 -11.96 19.48 15.42
C LEU C 213 -12.14 19.29 13.92
N ARG C 214 -13.11 19.94 13.31
CA ARG C 214 -13.35 19.67 11.89
C ARG C 214 -12.80 20.75 10.99
N TYR C 215 -12.01 20.30 10.02
CA TYR C 215 -11.56 21.21 8.98
C TYR C 215 -12.18 20.80 7.65
N ASP C 216 -12.95 21.71 7.06
CA ASP C 216 -13.38 21.60 5.68
C ASP C 216 -12.35 22.29 4.81
N LEU C 217 -11.98 21.67 3.70
CA LEU C 217 -10.89 22.14 2.87
C LEU C 217 -11.27 22.36 1.40
N ASP C 218 -10.56 23.27 0.73
CA ASP C 218 -10.69 23.45 -0.71
C ASP C 218 -9.66 22.60 -1.45
N SER C 219 -9.66 22.67 -2.78
CA SER C 219 -8.73 21.87 -3.58
C SER C 219 -7.29 22.21 -3.25
N ALA C 220 -7.08 23.43 -2.74
CA ALA C 220 -5.74 23.80 -2.36
C ALA C 220 -5.40 23.29 -0.97
N MET C 221 -6.28 22.53 -0.35
CA MET C 221 -6.04 22.06 1.01
C MET C 221 -6.09 23.21 2.00
N ARG C 222 -6.69 24.31 1.57
CA ARG C 222 -6.88 25.48 2.41
C ARG C 222 -8.18 25.42 3.21
N PRO C 223 -8.15 25.67 4.51
CA PRO C 223 -9.42 25.65 5.26
C PRO C 223 -10.45 26.62 4.71
N LEU C 224 -11.71 26.22 4.74
CA LEU C 224 -12.84 27.09 4.41
C LEU C 224 -13.12 28.04 5.57
N VAL C 225 -12.80 27.55 6.76
CA VAL C 225 -12.86 28.28 8.00
C VAL C 225 -11.54 28.19 8.77
N ARG C 226 -10.82 29.30 8.87
CA ARG C 226 -9.61 29.30 9.68
C ARG C 226 -9.90 28.85 11.11
N GLY C 227 -9.02 28.04 11.66
CA GLY C 227 -9.20 27.54 13.01
C GLY C 227 -10.06 26.29 13.04
N GLY C 228 -10.86 26.09 11.98
CA GLY C 228 -11.67 24.88 11.85
C GLY C 228 -12.90 25.01 12.71
N THR C 229 -13.63 23.92 12.95
CA THR C 229 -14.83 23.92 13.76
C THR C 229 -14.87 22.81 14.82
N TYR C 230 -14.88 23.15 16.11
CA TYR C 230 -14.96 22.06 17.10
C TYR C 230 -16.35 21.46 17.06
N LEU C 231 -16.54 20.23 17.55
CA LEU C 231 -17.88 19.61 17.44
C LEU C 231 -18.69 19.85 18.70
N ASP C 232 -18.04 20.46 19.67
CA ASP C 232 -18.62 20.88 20.95
C ASP C 232 -18.01 22.24 21.25
N PRO C 233 -18.56 23.21 20.50
CA PRO C 233 -18.01 24.57 20.45
C PRO C 233 -17.88 25.18 21.85
N GLU C 234 -18.98 25.25 22.55
CA GLU C 234 -19.14 25.68 23.94
C GLU C 234 -17.89 25.26 24.72
N ALA C 235 -17.50 23.99 24.60
CA ALA C 235 -16.19 23.60 25.09
C ALA C 235 -15.15 23.82 23.98
N ALA C 236 -14.40 24.91 24.06
CA ALA C 236 -13.32 25.16 23.10
C ALA C 236 -11.98 25.13 23.83
N ALA C 237 -11.94 25.72 25.02
CA ALA C 237 -10.79 25.66 25.92
C ALA C 237 -11.09 24.69 27.06
N ALA C 238 -12.32 24.73 27.55
CA ALA C 238 -12.80 23.83 28.59
C ALA C 238 -14.30 23.98 28.81
N ASN D 3 14.25 -16.62 7.68
CA ASN D 3 13.42 -17.82 7.51
C ASN D 3 11.95 -17.41 7.37
N THR D 4 11.03 -18.37 7.36
CA THR D 4 9.63 -17.96 7.20
C THR D 4 9.08 -17.52 8.54
N GLY D 5 8.19 -16.53 8.54
CA GLY D 5 7.71 -16.00 9.80
C GLY D 5 6.76 -16.95 10.49
N SER D 6 6.52 -16.75 11.78
CA SER D 6 5.50 -17.51 12.48
C SER D 6 4.10 -16.95 12.17
N LEU D 7 3.12 -17.82 12.05
CA LEU D 7 1.73 -17.47 11.89
C LEU D 7 1.02 -17.78 13.21
N VAL D 8 0.36 -16.78 13.78
CA VAL D 8 -0.39 -16.95 15.03
C VAL D 8 -1.87 -16.66 14.71
N LEU D 9 -2.70 -17.64 15.04
CA LEU D 9 -4.13 -17.54 14.83
C LEU D 9 -4.90 -17.38 16.14
N LEU D 10 -5.90 -16.52 16.14
CA LEU D 10 -6.67 -16.23 17.33
C LEU D 10 -8.16 -16.08 17.01
N ARG D 11 -8.94 -16.96 17.63
CA ARG D 11 -10.39 -16.92 17.49
C ARG D 11 -10.97 -16.13 18.66
N HIS D 12 -11.80 -15.13 18.39
CA HIS D 12 -12.31 -14.30 19.49
C HIS D 12 -13.20 -15.12 20.44
N GLY D 13 -13.35 -14.53 21.61
CA GLY D 13 -14.10 -15.10 22.72
C GLY D 13 -15.56 -14.75 22.66
N GLU D 14 -16.22 -14.89 23.81
CA GLU D 14 -17.67 -14.78 23.85
C GLU D 14 -18.29 -13.47 23.42
N SER D 15 -19.30 -13.53 22.55
CA SER D 15 -20.07 -12.36 22.17
C SER D 15 -21.41 -12.34 22.90
N ASP D 16 -22.07 -11.20 22.78
CA ASP D 16 -23.38 -10.99 23.35
C ASP D 16 -24.39 -11.99 22.80
N TRP D 17 -24.22 -12.31 21.51
CA TRP D 17 -25.21 -13.24 20.94
C TRP D 17 -24.86 -14.68 21.27
N ASN D 18 -23.57 -15.01 21.44
CA ASN D 18 -23.24 -16.34 21.94
C ASN D 18 -23.93 -16.56 23.29
N ALA D 19 -23.99 -15.52 24.12
CA ALA D 19 -24.60 -15.57 25.44
C ALA D 19 -26.09 -15.91 25.37
N LEU D 20 -26.73 -15.55 24.27
CA LEU D 20 -28.13 -15.90 24.02
C LEU D 20 -28.28 -17.04 23.03
N ASN D 21 -27.20 -17.69 22.61
CA ASN D 21 -27.27 -18.78 21.64
C ASN D 21 -27.93 -18.38 20.33
N LEU D 22 -27.65 -17.21 19.81
CA LEU D 22 -28.25 -16.77 18.55
C LEU D 22 -27.26 -16.95 17.42
N PHE D 23 -27.68 -17.39 16.25
CA PHE D 23 -26.79 -17.46 15.09
C PHE D 23 -26.40 -16.05 14.66
N THR D 24 -25.11 -15.81 14.52
CA THR D 24 -24.67 -14.42 14.32
C THR D 24 -24.26 -14.12 12.89
N GLY D 25 -23.33 -14.90 12.35
CA GLY D 25 -22.80 -14.63 11.01
C GLY D 25 -22.17 -13.26 10.91
N TRP D 26 -22.59 -12.47 9.93
CA TRP D 26 -22.04 -11.14 9.72
C TRP D 26 -22.70 -10.08 10.58
N VAL D 27 -23.68 -10.45 11.42
CA VAL D 27 -24.20 -9.45 12.35
C VAL D 27 -23.06 -8.90 13.21
N ASP D 28 -22.90 -7.58 13.28
CA ASP D 28 -21.72 -7.02 13.94
C ASP D 28 -21.87 -6.82 15.44
N VAL D 29 -22.14 -7.87 16.21
CA VAL D 29 -22.37 -7.78 17.64
C VAL D 29 -21.04 -7.69 18.37
N GLY D 30 -21.12 -7.17 19.60
CA GLY D 30 -19.93 -7.03 20.40
C GLY D 30 -19.63 -8.19 21.33
N LEU D 31 -18.42 -8.15 21.86
CA LEU D 31 -17.93 -9.05 22.90
C LEU D 31 -18.67 -8.80 24.23
N THR D 32 -18.92 -9.87 24.98
CA THR D 32 -19.31 -9.74 26.37
C THR D 32 -18.09 -9.25 27.15
N ASP D 33 -18.29 -8.87 28.40
CA ASP D 33 -17.14 -8.45 29.21
C ASP D 33 -16.21 -9.64 29.41
N LYS D 34 -16.76 -10.84 29.53
CA LYS D 34 -15.98 -12.06 29.57
C LYS D 34 -15.14 -12.30 28.31
N GLY D 35 -15.74 -11.96 27.17
CA GLY D 35 -15.07 -12.01 25.89
C GLY D 35 -13.88 -11.08 25.81
N GLN D 36 -14.03 -9.90 26.36
CA GLN D 36 -12.99 -8.88 26.42
C GLN D 36 -11.83 -9.36 27.28
N ALA D 37 -12.17 -9.90 28.46
CA ALA D 37 -11.14 -10.37 29.37
C ALA D 37 -10.38 -11.54 28.76
N GLU D 38 -11.10 -12.29 27.93
CA GLU D 38 -10.42 -13.40 27.26
C GLU D 38 -9.43 -12.84 26.25
N ALA D 39 -9.77 -11.73 25.60
CA ALA D 39 -8.84 -11.14 24.63
C ALA D 39 -7.57 -10.63 25.30
N VAL D 40 -7.78 -9.96 26.44
CA VAL D 40 -6.64 -9.48 27.22
C VAL D 40 -5.72 -10.64 27.54
N ARG D 41 -6.29 -11.74 28.05
CA ARG D 41 -5.44 -12.89 28.35
C ARG D 41 -4.71 -13.46 27.14
N SER D 42 -5.35 -13.41 25.96
CA SER D 42 -4.78 -13.88 24.71
C SER D 42 -3.46 -13.15 24.44
N GLY D 43 -3.50 -11.85 24.71
CA GLY D 43 -2.34 -11.00 24.56
C GLY D 43 -1.21 -11.43 25.49
N GLU D 44 -1.59 -11.74 26.73
CA GLU D 44 -0.61 -12.16 27.73
C GLU D 44 0.08 -13.45 27.30
N LEU D 45 -0.68 -14.37 26.72
CA LEU D 45 -0.14 -15.65 26.27
C LEU D 45 0.87 -15.49 25.14
N ILE D 46 0.56 -14.58 24.22
CA ILE D 46 1.44 -14.29 23.09
C ILE D 46 2.78 -13.72 23.55
N ALA D 47 2.69 -12.78 24.48
CA ALA D 47 3.86 -12.13 25.06
C ALA D 47 4.65 -13.15 25.90
N GLU D 48 3.94 -13.99 26.66
CA GLU D 48 4.52 -15.04 27.47
C GLU D 48 5.31 -16.09 26.69
N HIS D 49 5.00 -16.19 25.41
CA HIS D 49 5.66 -17.17 24.55
C HIS D 49 6.67 -16.47 23.64
N ASP D 50 6.95 -15.21 23.89
CA ASP D 50 7.84 -14.36 23.10
C ASP D 50 7.43 -14.33 21.64
N LEU D 51 6.15 -14.19 21.33
CA LEU D 51 5.73 -14.18 19.93
C LEU D 51 5.14 -12.86 19.50
N LEU D 52 5.97 -11.83 19.40
CA LEU D 52 5.40 -10.52 19.12
C LEU D 52 5.19 -10.27 17.65
N PRO D 53 3.91 -10.11 17.31
CA PRO D 53 3.55 -9.94 15.90
C PRO D 53 4.16 -8.66 15.32
N ASP D 54 4.42 -8.70 14.03
CA ASP D 54 4.87 -7.59 13.23
C ASP D 54 3.73 -6.98 12.41
N VAL D 55 2.66 -7.75 12.20
CA VAL D 55 1.48 -7.25 11.50
C VAL D 55 0.24 -8.02 11.98
N LEU D 56 -0.90 -7.33 11.91
CA LEU D 56 -2.19 -7.86 12.33
C LEU D 56 -3.18 -7.87 11.18
N TYR D 57 -3.85 -9.01 11.00
CA TYR D 57 -4.98 -9.03 10.07
C TYR D 57 -6.27 -9.34 10.80
N THR D 58 -7.34 -8.60 10.54
CA THR D 58 -8.62 -8.92 11.14
C THR D 58 -9.74 -8.91 10.10
N SER D 59 -10.90 -9.38 10.53
CA SER D 59 -12.13 -9.27 9.78
C SER D 59 -12.69 -7.86 9.92
N LEU D 60 -13.85 -7.60 9.36
CA LEU D 60 -14.47 -6.28 9.55
C LEU D 60 -15.40 -6.28 10.74
N LEU D 61 -15.38 -7.36 11.51
CA LEU D 61 -16.37 -7.45 12.59
C LEU D 61 -15.78 -7.07 13.95
N ARG D 62 -16.50 -6.18 14.63
CA ARG D 62 -16.02 -5.60 15.88
C ARG D 62 -15.59 -6.65 16.89
N ARG D 63 -16.24 -7.80 16.95
CA ARG D 63 -15.81 -8.74 18.00
C ARG D 63 -14.40 -9.22 17.74
N ALA D 64 -13.94 -9.23 16.49
CA ALA D 64 -12.55 -9.62 16.24
C ALA D 64 -11.61 -8.42 16.38
N ILE D 65 -12.11 -7.28 15.89
CA ILE D 65 -11.33 -6.06 15.90
C ILE D 65 -10.97 -5.67 17.33
N THR D 66 -11.99 -5.66 18.19
CA THR D 66 -11.75 -5.38 19.61
C THR D 66 -10.89 -6.44 20.28
N THR D 67 -11.10 -7.71 19.96
CA THR D 67 -10.23 -8.76 20.49
C THR D 67 -8.76 -8.49 20.18
N ALA D 68 -8.51 -8.18 18.92
CA ALA D 68 -7.16 -7.84 18.46
C ALA D 68 -6.61 -6.62 19.19
N HIS D 69 -7.42 -5.57 19.33
CA HIS D 69 -6.95 -4.39 20.04
C HIS D 69 -6.51 -4.73 21.46
N LEU D 70 -7.38 -5.43 22.20
CA LEU D 70 -7.06 -5.78 23.58
C LEU D 70 -5.84 -6.69 23.71
N ALA D 71 -5.71 -7.69 22.82
CA ALA D 71 -4.60 -8.61 22.77
C ALA D 71 -3.28 -7.92 22.52
N LEU D 72 -3.29 -7.02 21.52
CA LEU D 72 -2.04 -6.33 21.18
C LEU D 72 -1.68 -5.35 22.28
N ASP D 73 -2.70 -4.81 22.96
CA ASP D 73 -2.44 -3.91 24.08
C ASP D 73 -1.67 -4.67 25.14
N SER D 74 -2.23 -5.83 25.49
CA SER D 74 -1.59 -6.67 26.50
C SER D 74 -0.27 -7.23 26.02
N ALA D 75 -0.03 -7.33 24.71
CA ALA D 75 1.26 -7.78 24.22
C ALA D 75 2.23 -6.63 23.99
N ASP D 76 1.77 -5.42 24.23
CA ASP D 76 2.55 -4.21 23.96
C ASP D 76 3.04 -4.14 22.52
N ARG D 77 2.16 -4.47 21.58
CA ARG D 77 2.44 -4.36 20.15
C ARG D 77 1.29 -3.68 19.42
N LEU D 78 0.67 -2.72 20.09
CA LEU D 78 -0.44 -1.94 19.57
C LEU D 78 -0.08 -1.13 18.33
N TRP D 79 1.16 -0.73 18.21
CA TRP D 79 1.60 0.21 17.19
C TRP D 79 1.77 -0.42 15.82
N ILE D 80 1.63 -1.75 15.71
CA ILE D 80 1.99 -2.40 14.46
C ILE D 80 0.93 -2.18 13.39
N PRO D 81 1.32 -2.35 12.13
CA PRO D 81 0.37 -2.20 11.03
C PRO D 81 -0.76 -3.22 11.15
N VAL D 82 -1.92 -2.77 10.72
CA VAL D 82 -3.15 -3.55 10.71
C VAL D 82 -3.84 -3.40 9.38
N ARG D 83 -4.33 -4.55 8.89
CA ARG D 83 -5.16 -4.53 7.68
C ARG D 83 -6.42 -5.34 7.94
N ARG D 84 -7.54 -4.91 7.39
CA ARG D 84 -8.81 -5.60 7.62
C ARG D 84 -9.45 -6.01 6.30
N SER D 85 -10.18 -7.12 6.34
CA SER D 85 -10.80 -7.64 5.13
C SER D 85 -12.07 -8.41 5.46
N TRP D 86 -13.09 -8.17 4.64
CA TRP D 86 -14.30 -8.99 4.75
C TRP D 86 -14.00 -10.47 4.56
N ARG D 87 -12.90 -10.83 3.90
CA ARG D 87 -12.59 -12.22 3.58
C ARG D 87 -12.22 -12.99 4.83
N LEU D 88 -12.00 -12.27 5.93
CA LEU D 88 -11.69 -12.88 7.21
C LEU D 88 -12.91 -13.00 8.11
N ASN D 89 -14.03 -12.44 7.63
CA ASN D 89 -15.28 -12.58 8.36
C ASN D 89 -15.72 -14.03 8.59
N GLU D 90 -16.51 -14.13 9.66
CA GLU D 90 -17.27 -15.33 9.96
C GLU D 90 -18.08 -15.72 8.74
N ARG D 91 -18.47 -16.98 8.68
CA ARG D 91 -19.37 -17.42 7.63
C ARG D 91 -20.67 -16.63 7.70
N HIS D 92 -21.24 -16.25 6.56
CA HIS D 92 -22.54 -15.60 6.60
C HIS D 92 -23.61 -16.66 6.86
N TYR D 93 -24.49 -16.46 7.83
CA TYR D 93 -25.44 -17.50 8.24
C TYR D 93 -26.79 -17.40 7.56
N GLY D 94 -26.87 -16.52 6.58
CA GLY D 94 -28.06 -16.32 5.77
C GLY D 94 -29.25 -16.01 6.64
N ALA D 95 -30.40 -16.61 6.33
CA ALA D 95 -31.62 -16.26 7.04
C ALA D 95 -31.61 -16.73 8.49
N LEU D 96 -30.66 -17.58 8.91
CA LEU D 96 -30.57 -17.94 10.33
C LEU D 96 -30.05 -16.78 11.18
N GLN D 97 -29.54 -15.72 10.56
CA GLN D 97 -28.89 -14.67 11.36
C GLN D 97 -29.92 -13.99 12.27
N GLY D 98 -29.67 -13.99 13.58
CA GLY D 98 -30.65 -13.43 14.51
C GLY D 98 -31.59 -14.48 15.07
N LEU D 99 -31.53 -15.71 14.57
CA LEU D 99 -32.44 -16.74 15.05
C LEU D 99 -31.77 -17.64 16.08
N ASP D 100 -32.61 -18.18 16.97
CA ASP D 100 -32.18 -19.26 17.85
C ASP D 100 -32.54 -20.58 17.15
N LYS D 101 -31.99 -21.68 17.66
CA LYS D 101 -32.24 -22.99 17.07
C LYS D 101 -33.74 -23.29 16.91
N ALA D 102 -34.44 -23.23 18.04
CA ALA D 102 -35.87 -23.47 18.16
C ALA D 102 -36.63 -22.88 16.98
N GLU D 103 -36.61 -21.55 16.89
CA GLU D 103 -37.19 -20.85 15.77
C GLU D 103 -36.65 -21.40 14.45
N THR D 104 -35.37 -21.79 14.43
CA THR D 104 -34.80 -22.23 13.15
C THR D 104 -35.32 -23.60 12.75
N LYS D 105 -35.31 -24.54 13.70
CA LYS D 105 -35.87 -25.85 13.40
C LYS D 105 -37.35 -25.69 13.05
N ALA D 106 -37.97 -24.68 13.64
CA ALA D 106 -39.38 -24.41 13.42
C ALA D 106 -39.67 -23.96 11.99
N ARG D 107 -38.81 -23.09 11.51
CA ARG D 107 -38.91 -22.43 10.23
C ARG D 107 -38.51 -23.36 9.10
N TYR D 108 -37.52 -24.20 9.40
CA TYR D 108 -36.84 -24.92 8.32
C TYR D 108 -36.80 -26.42 8.47
N GLY D 109 -37.29 -26.93 9.61
CA GLY D 109 -37.35 -28.37 9.80
C GLY D 109 -36.04 -28.94 10.28
N GLU D 110 -36.09 -30.13 10.87
CA GLU D 110 -34.90 -30.68 11.50
C GLU D 110 -33.89 -31.19 10.49
N GLU D 111 -34.36 -31.65 9.34
CA GLU D 111 -33.43 -32.19 8.34
C GLU D 111 -32.47 -31.14 7.83
N GLN D 112 -33.01 -29.98 7.51
CA GLN D 112 -32.19 -28.89 6.97
C GLN D 112 -31.31 -28.26 8.06
N PHE D 113 -31.86 -28.12 9.27
CA PHE D 113 -31.08 -27.66 10.40
C PHE D 113 -29.79 -28.49 10.49
N MET D 114 -29.93 -29.79 10.24
CA MET D 114 -28.78 -30.67 10.38
C MET D 114 -27.82 -30.46 9.22
N ALA D 115 -28.39 -30.45 8.01
CA ALA D 115 -27.51 -30.28 6.85
C ALA D 115 -26.80 -28.94 6.93
N TRP D 116 -27.51 -27.92 7.40
CA TRP D 116 -26.89 -26.59 7.42
C TRP D 116 -25.79 -26.46 8.46
N ARG D 117 -25.93 -27.29 9.49
CA ARG D 117 -24.96 -27.37 10.58
C ARG D 117 -23.75 -28.18 10.13
N ARG D 118 -23.95 -29.35 9.52
CA ARG D 118 -22.75 -30.16 9.26
C ARG D 118 -22.36 -30.28 7.80
N SER D 119 -23.00 -29.57 6.86
CA SER D 119 -22.57 -29.70 5.47
C SER D 119 -21.33 -28.85 5.21
N TYR D 120 -20.56 -29.21 4.20
CA TYR D 120 -19.46 -28.37 3.75
C TYR D 120 -19.94 -27.45 2.62
N ASP D 121 -20.85 -28.01 1.84
CA ASP D 121 -21.26 -27.42 0.59
C ASP D 121 -22.73 -27.04 0.51
N THR D 122 -23.48 -27.07 1.59
CA THR D 122 -24.87 -26.64 1.60
C THR D 122 -25.04 -25.36 2.42
N PRO D 123 -25.28 -24.21 1.82
CA PRO D 123 -25.53 -22.99 2.58
C PRO D 123 -26.94 -22.95 3.17
N PRO D 124 -27.14 -22.15 4.20
CA PRO D 124 -28.49 -21.87 4.72
C PRO D 124 -29.29 -21.06 3.70
N PRO D 125 -30.57 -20.85 3.94
CA PRO D 125 -31.36 -20.06 2.98
C PRO D 125 -30.89 -18.62 2.90
N PRO D 126 -31.07 -17.97 1.76
CA PRO D 126 -30.58 -16.59 1.68
C PRO D 126 -31.37 -15.69 2.62
N ILE D 127 -30.68 -14.73 3.22
CA ILE D 127 -31.40 -13.76 4.05
C ILE D 127 -32.15 -12.83 3.13
N GLU D 128 -33.24 -12.26 3.63
CA GLU D 128 -33.96 -11.29 2.80
C GLU D 128 -33.19 -9.97 2.83
N ARG D 129 -33.07 -9.41 1.64
CA ARG D 129 -32.41 -8.14 1.40
C ARG D 129 -33.12 -7.02 2.14
N GLY D 130 -32.35 -6.20 2.84
CA GLY D 130 -32.87 -5.09 3.59
C GLY D 130 -33.54 -5.49 4.88
N SER D 131 -33.43 -6.76 5.28
CA SER D 131 -34.08 -7.15 6.53
C SER D 131 -33.24 -6.69 7.71
N GLN D 132 -33.73 -6.94 8.91
CA GLN D 132 -33.14 -6.37 10.11
C GLN D 132 -31.73 -6.89 10.39
N PHE D 133 -31.46 -8.15 10.07
CA PHE D 133 -30.13 -8.69 10.36
C PHE D 133 -29.34 -9.00 9.09
N SER D 134 -29.66 -8.30 8.02
CA SER D 134 -28.91 -8.35 6.77
C SER D 134 -27.90 -7.21 6.69
N GLN D 135 -26.80 -7.46 5.96
CA GLN D 135 -25.70 -6.50 5.89
C GLN D 135 -25.57 -5.89 4.50
N ASP D 136 -26.49 -6.29 3.62
CA ASP D 136 -26.37 -5.94 2.20
C ASP D 136 -26.36 -4.44 1.99
N ALA D 137 -26.86 -3.67 2.96
CA ALA D 137 -26.87 -2.22 2.75
C ALA D 137 -25.70 -1.54 3.46
N ASP D 138 -24.90 -2.30 4.18
CA ASP D 138 -23.79 -1.67 4.92
C ASP D 138 -22.74 -1.16 3.94
N PRO D 139 -22.31 0.07 4.10
CA PRO D 139 -21.32 0.63 3.17
C PRO D 139 -19.99 -0.11 3.19
N ARG D 140 -19.72 -0.89 4.24
CA ARG D 140 -18.43 -1.55 4.29
C ARG D 140 -18.37 -2.69 3.27
N TYR D 141 -19.54 -3.06 2.75
CA TYR D 141 -19.56 -4.15 1.77
C TYR D 141 -19.91 -3.63 0.38
N ALA D 142 -19.94 -2.31 0.22
CA ALA D 142 -20.33 -1.76 -1.07
C ALA D 142 -19.45 -2.27 -2.21
N ASP D 143 -18.16 -2.51 -1.95
CA ASP D 143 -17.35 -2.86 -3.15
C ASP D 143 -17.62 -4.29 -3.57
N ILE D 144 -18.35 -5.06 -2.75
CA ILE D 144 -18.74 -6.39 -3.22
C ILE D 144 -20.23 -6.52 -3.40
N GLY D 145 -20.91 -5.40 -3.64
CA GLY D 145 -22.32 -5.39 -3.95
C GLY D 145 -23.21 -5.76 -2.78
N GLY D 146 -22.71 -5.46 -1.58
CA GLY D 146 -23.45 -5.82 -0.39
C GLY D 146 -23.04 -7.16 0.18
N GLY D 147 -22.33 -7.99 -0.57
CA GLY D 147 -21.93 -9.30 -0.06
C GLY D 147 -22.93 -10.38 -0.36
N PRO D 148 -22.57 -11.61 0.01
CA PRO D 148 -23.44 -12.76 -0.19
C PRO D 148 -24.59 -12.73 0.81
N LEU D 149 -25.68 -13.42 0.48
CA LEU D 149 -26.83 -13.41 1.38
C LEU D 149 -26.90 -14.69 2.21
N THR D 150 -25.91 -15.55 2.00
CA THR D 150 -25.68 -16.80 2.73
C THR D 150 -24.34 -17.38 2.33
N GLU D 151 -23.72 -18.23 3.14
CA GLU D 151 -22.47 -18.90 2.83
C GLU D 151 -22.42 -20.29 3.49
N CYS D 152 -21.84 -21.24 2.78
CA CYS D 152 -21.46 -22.52 3.37
C CYS D 152 -19.95 -22.50 3.58
N LEU D 153 -19.39 -23.48 4.28
CA LEU D 153 -17.94 -23.44 4.58
C LEU D 153 -17.15 -23.40 3.28
N ALA D 154 -17.63 -24.12 2.26
CA ALA D 154 -16.94 -24.12 0.97
C ALA D 154 -16.84 -22.70 0.42
N ASP D 155 -17.86 -21.90 0.72
CA ASP D 155 -17.85 -20.54 0.14
C ASP D 155 -16.83 -19.70 0.89
N VAL D 156 -16.73 -20.04 2.19
CA VAL D 156 -15.80 -19.26 3.00
C VAL D 156 -14.38 -19.56 2.55
N VAL D 157 -14.06 -20.83 2.30
CA VAL D 157 -12.74 -21.24 1.83
C VAL D 157 -12.37 -20.46 0.56
N ALA D 158 -13.33 -20.41 -0.36
CA ALA D 158 -13.17 -19.80 -1.66
C ALA D 158 -12.91 -18.30 -1.59
N ARG D 159 -13.60 -17.61 -0.66
CA ARG D 159 -13.35 -16.17 -0.58
C ARG D 159 -12.24 -15.85 0.42
N PHE D 160 -11.90 -16.75 1.35
CA PHE D 160 -10.81 -16.49 2.28
C PHE D 160 -9.45 -16.61 1.60
N LEU D 161 -9.21 -17.72 0.91
CA LEU D 161 -7.87 -18.05 0.44
C LEU D 161 -7.25 -17.00 -0.46
N PRO D 162 -7.95 -16.31 -1.35
CA PRO D 162 -7.28 -15.25 -2.14
C PRO D 162 -6.60 -14.19 -1.30
N TYR D 163 -7.17 -13.84 -0.17
CA TYR D 163 -6.53 -12.91 0.75
C TYR D 163 -5.28 -13.48 1.40
N PHE D 164 -5.39 -14.73 1.80
CA PHE D 164 -4.27 -15.41 2.41
C PHE D 164 -3.10 -15.48 1.45
N THR D 165 -3.32 -15.93 0.21
CA THR D 165 -2.18 -16.11 -0.68
C THR D 165 -1.63 -14.77 -1.15
N ASP D 166 -2.53 -13.86 -1.50
CA ASP D 166 -2.09 -12.66 -2.18
C ASP D 166 -1.56 -11.61 -1.21
N VAL D 167 -1.96 -11.68 0.05
CA VAL D 167 -1.51 -10.66 1.00
C VAL D 167 -0.70 -11.23 2.15
N ILE D 168 -1.26 -12.17 2.91
CA ILE D 168 -0.61 -12.64 4.14
C ILE D 168 0.62 -13.48 3.92
N VAL D 169 0.63 -14.38 2.94
CA VAL D 169 1.77 -15.25 2.66
C VAL D 169 3.01 -14.44 2.32
N GLY D 170 2.85 -13.31 1.63
CA GLY D 170 3.98 -12.43 1.37
C GLY D 170 4.72 -11.99 2.61
N ASP D 171 4.00 -11.64 3.68
CA ASP D 171 4.56 -11.19 4.93
C ASP D 171 5.33 -12.33 5.61
N LEU D 172 4.71 -13.50 5.50
CA LEU D 172 5.28 -14.69 6.12
C LEU D 172 6.60 -15.00 5.40
N ARG D 173 6.59 -14.82 4.08
CA ARG D 173 7.76 -15.16 3.29
C ARG D 173 8.99 -14.30 3.62
N VAL D 174 8.77 -13.04 3.99
CA VAL D 174 9.90 -12.20 4.37
C VAL D 174 10.19 -12.20 5.87
N GLY D 175 9.69 -13.21 6.58
CA GLY D 175 10.07 -13.44 7.96
C GLY D 175 9.19 -12.80 8.99
N LYS D 176 8.13 -12.06 8.62
CA LYS D 176 7.28 -11.47 9.64
C LYS D 176 6.44 -12.42 10.47
N THR D 177 6.29 -12.09 11.76
CA THR D 177 5.35 -12.77 12.61
C THR D 177 3.96 -12.16 12.41
N VAL D 178 3.03 -13.00 12.00
CA VAL D 178 1.73 -12.53 11.57
C VAL D 178 0.67 -13.00 12.57
N LEU D 179 -0.12 -12.03 13.04
CA LEU D 179 -1.26 -12.31 13.89
C LEU D 179 -2.55 -12.18 13.09
N ILE D 180 -3.37 -13.22 13.08
CA ILE D 180 -4.68 -13.19 12.48
C ILE D 180 -5.71 -13.36 13.59
N VAL D 181 -6.58 -12.37 13.75
CA VAL D 181 -7.67 -12.45 14.70
C VAL D 181 -8.96 -12.49 13.90
N ALA D 182 -9.66 -13.62 14.02
CA ALA D 182 -10.84 -13.81 13.17
C ALA D 182 -11.84 -14.71 13.88
N HIS D 183 -12.48 -15.61 13.15
CA HIS D 183 -13.70 -16.30 13.49
C HIS D 183 -13.59 -17.80 13.28
N GLY D 184 -14.50 -18.55 13.88
CA GLY D 184 -14.48 -19.99 13.77
C GLY D 184 -14.30 -20.52 12.37
N ASN D 185 -15.19 -20.11 11.46
CA ASN D 185 -15.16 -20.69 10.12
C ASN D 185 -14.07 -20.09 9.26
N SER D 186 -13.70 -18.82 9.46
CA SER D 186 -12.62 -18.30 8.60
C SER D 186 -11.30 -18.94 9.00
N LEU D 187 -11.12 -19.14 10.31
CA LEU D 187 -9.90 -19.85 10.73
C LEU D 187 -9.94 -21.33 10.36
N ARG D 188 -11.12 -21.93 10.42
CA ARG D 188 -11.29 -23.30 9.93
C ARG D 188 -10.88 -23.43 8.49
N ALA D 189 -11.27 -22.43 7.69
CA ALA D 189 -10.90 -22.45 6.28
C ALA D 189 -9.40 -22.44 6.12
N LEU D 190 -8.73 -21.60 6.91
CA LEU D 190 -7.28 -21.49 6.82
C LEU D 190 -6.61 -22.79 7.24
N VAL D 191 -7.12 -23.36 8.33
CA VAL D 191 -6.51 -24.62 8.78
C VAL D 191 -6.70 -25.67 7.71
N LYS D 192 -7.87 -25.69 7.05
CA LYS D 192 -8.10 -26.64 5.96
C LYS D 192 -6.97 -26.56 4.92
N HIS D 193 -6.66 -25.31 4.55
CA HIS D 193 -5.59 -25.07 3.58
C HIS D 193 -4.23 -25.45 4.14
N LEU D 194 -3.87 -24.91 5.30
CA LEU D 194 -2.55 -25.18 5.85
C LEU D 194 -2.23 -26.66 6.06
N ASP D 195 -3.19 -27.42 6.57
CA ASP D 195 -3.00 -28.82 6.88
C ASP D 195 -3.55 -29.74 5.80
N GLN D 196 -4.08 -29.13 4.74
CA GLN D 196 -4.59 -29.92 3.62
C GLN D 196 -5.61 -30.97 4.06
N MET D 197 -6.60 -30.58 4.84
CA MET D 197 -7.64 -31.48 5.35
C MET D 197 -8.74 -31.70 4.32
N SER D 198 -9.46 -32.81 4.40
CA SER D 198 -10.51 -33.12 3.45
C SER D 198 -11.79 -32.34 3.71
N ASP D 199 -12.63 -32.28 2.68
CA ASP D 199 -13.93 -31.64 2.84
C ASP D 199 -14.72 -32.34 3.94
N ASP D 200 -14.58 -33.67 4.06
CA ASP D 200 -15.36 -34.38 5.07
C ASP D 200 -14.94 -34.08 6.50
N GLU D 201 -13.64 -33.96 6.74
CA GLU D 201 -13.04 -33.81 8.04
C GLU D 201 -13.09 -32.39 8.58
N ILE D 202 -13.23 -31.41 7.69
CA ILE D 202 -13.01 -30.05 8.17
C ILE D 202 -14.21 -29.52 8.96
N VAL D 203 -15.39 -29.99 8.57
CA VAL D 203 -16.58 -29.36 9.16
C VAL D 203 -16.65 -29.54 10.66
N GLY D 204 -16.27 -30.68 11.23
CA GLY D 204 -16.30 -30.74 12.69
C GLY D 204 -14.99 -30.36 13.35
N LEU D 205 -14.03 -29.79 12.62
CA LEU D 205 -12.81 -29.35 13.31
C LEU D 205 -13.11 -28.26 14.32
N ASN D 206 -12.65 -28.50 15.55
CA ASN D 206 -12.87 -27.63 16.69
C ASN D 206 -11.73 -26.61 16.84
N ILE D 207 -12.09 -25.35 17.05
CA ILE D 207 -11.04 -24.37 17.32
C ILE D 207 -11.43 -23.62 18.59
N PRO D 208 -10.68 -23.75 19.67
CA PRO D 208 -11.12 -23.12 20.92
C PRO D 208 -10.98 -21.60 20.86
N THR D 209 -11.84 -20.88 21.58
CA THR D 209 -11.67 -19.43 21.62
C THR D 209 -10.53 -19.02 22.55
N GLY D 210 -9.97 -17.86 22.19
CA GLY D 210 -9.08 -17.10 23.03
C GLY D 210 -7.73 -17.72 23.31
N ILE D 211 -7.45 -18.84 22.67
CA ILE D 211 -6.13 -19.45 22.81
C ILE D 211 -5.35 -19.37 21.51
N PRO D 212 -4.28 -18.59 21.47
CA PRO D 212 -3.51 -18.49 20.23
C PRO D 212 -2.91 -19.83 19.78
N LEU D 213 -2.85 -19.93 18.46
CA LEU D 213 -2.48 -21.14 17.74
C LEU D 213 -1.33 -20.77 16.82
N ARG D 214 -0.17 -21.36 17.08
CA ARG D 214 1.04 -21.03 16.36
C ARG D 214 1.39 -22.06 15.29
N TYR D 215 1.56 -21.56 14.06
CA TYR D 215 1.95 -22.37 12.94
C TYR D 215 3.37 -22.01 12.45
N ASP D 216 4.28 -22.93 12.66
CA ASP D 216 5.64 -22.78 12.13
C ASP D 216 5.62 -23.38 10.71
N LEU D 217 6.06 -22.62 9.73
CA LEU D 217 6.00 -23.04 8.34
C LEU D 217 7.38 -23.08 7.71
N ASP D 218 7.52 -23.86 6.66
CA ASP D 218 8.77 -23.91 5.89
C ASP D 218 8.69 -22.92 4.73
N SER D 219 9.71 -22.95 3.87
CA SER D 219 9.80 -22.10 2.70
C SER D 219 8.56 -22.24 1.83
N ALA D 220 8.06 -23.47 1.81
CA ALA D 220 6.91 -23.85 1.01
C ALA D 220 5.59 -23.53 1.72
N MET D 221 5.70 -22.82 2.84
CA MET D 221 4.51 -22.42 3.58
C MET D 221 3.78 -23.66 4.10
N ARG D 222 4.55 -24.71 4.39
CA ARG D 222 3.94 -25.94 4.91
C ARG D 222 4.18 -26.05 6.40
N PRO D 223 3.16 -26.37 7.18
CA PRO D 223 3.37 -26.51 8.62
C PRO D 223 4.49 -27.49 8.98
N LEU D 224 5.33 -27.03 9.91
CA LEU D 224 6.34 -27.99 10.39
C LEU D 224 5.64 -28.99 11.30
N VAL D 225 4.61 -28.51 11.97
CA VAL D 225 3.78 -29.28 12.87
C VAL D 225 2.32 -29.28 12.43
N ARG D 226 1.85 -30.47 12.03
CA ARG D 226 0.46 -30.63 11.63
C ARG D 226 -0.49 -30.18 12.73
N GLY D 227 -1.38 -29.25 12.41
CA GLY D 227 -2.37 -28.76 13.33
C GLY D 227 -1.89 -27.66 14.26
N GLY D 228 -0.62 -27.29 14.10
CA GLY D 228 -0.05 -26.17 14.82
C GLY D 228 0.24 -26.47 16.28
N THR D 229 0.49 -25.43 17.06
CA THR D 229 0.76 -25.59 18.47
C THR D 229 -0.04 -24.54 19.25
N TYR D 230 -0.96 -24.94 20.11
CA TYR D 230 -1.67 -23.97 20.94
C TYR D 230 -0.78 -23.41 22.05
N LEU D 231 -0.77 -22.09 22.19
CA LEU D 231 -0.05 -21.45 23.27
C LEU D 231 -0.90 -21.44 24.53
N ASP D 232 -0.76 -22.42 25.41
CA ASP D 232 -1.64 -22.36 26.58
C ASP D 232 -1.12 -23.21 27.73
N PRO D 233 -1.61 -22.95 28.94
CA PRO D 233 -1.19 -23.76 30.10
C PRO D 233 -1.83 -25.14 30.07
C1 GOL E . 18.86 14.65 -17.63
O1 GOL E . 18.49 15.50 -18.64
C2 GOL E . 19.49 15.19 -16.38
O2 GOL E . 20.81 15.56 -16.63
C3 GOL E . 19.43 14.19 -15.25
O3 GOL E . 18.99 14.47 -13.98
C1 GOL F . -0.31 -13.50 -26.42
O1 GOL F . 0.76 -14.32 -26.68
C2 GOL F . -1.72 -13.94 -26.33
O2 GOL F . -2.68 -13.27 -27.10
C3 GOL F . -2.28 -14.11 -24.95
O3 GOL F . -2.55 -13.00 -24.14
C1 GOL G . -20.19 -14.40 17.50
O1 GOL G . -21.45 -13.94 17.74
C2 GOL G . -19.94 -15.57 16.59
O2 GOL G . -20.05 -16.75 17.32
C3 GOL G . -18.56 -15.50 16.00
O3 GOL G . -18.30 -15.56 14.66
C1 GOL H . -36.44 -8.36 17.36
O1 GOL H . -35.97 -8.79 16.16
C2 GOL H . -36.52 -9.37 18.47
O2 GOL H . -37.68 -9.28 19.29
C3 GOL H . -35.24 -9.38 19.29
O3 GOL H . -35.02 -10.53 20.06
C1 GOL I . -1.24 -5.53 2.49
O1 GOL I . -0.85 -6.09 3.67
C2 GOL I . -2.49 -4.74 2.33
O2 GOL I . -3.33 -5.24 1.32
C3 GOL I . -2.18 -3.27 2.20
O3 GOL I . -3.24 -2.37 2.01
#